data_4URI
#
_entry.id   4URI
#
_cell.length_a   43.100
_cell.length_b   53.221
_cell.length_c   71.271
_cell.angle_alpha   106.01
_cell.angle_beta   94.12
_cell.angle_gamma   107.59
#
_symmetry.space_group_name_H-M   'P 1'
#
loop_
_entity.id
_entity.type
_entity.pdbx_description
1 polymer 'CHITINASE-RELATED AGGLUTININ'
2 non-polymer (4S)-2-METHYL-2,4-PENTANEDIOL
3 non-polymer 'SODIUM ION'
4 non-polymer 'CHLORIDE ION'
5 water water
#
_entity_poly.entity_id   1
_entity_poly.type   'polypeptide(L)'
_entity_poly.pdbx_seq_one_letter_code
;AIKGGYWYSGSGLAVSDINPSHFTHLFCAFADLDPNTNKLTISSSNAAAFSTFTQTVRAKNPSVKTLLSIGGGGGRALAA
VFANMASQASRRKSFIDSSIQLARRNNFHGLDLDWEYPSSDIDKTNFASLIREWRAAVATESSTSGTPALLLSAAVGGSD
QITPLKYYPGEAIANNLDWVNVMTYDLYTSDSYPTLTQPPAPLFYPRGIFSADEGITKWIQSGVPESKLALGLPFYGFKW
RLSDPNNHGLFAPATQGLGAVKYKDIVNTGGQVEFDSTYVTNYRFKGTDWYGYDDTQSISAKVAYAKQRGLFGYFAWHIE
QDSNWALSETASRAWGT
;
_entity_poly.pdbx_strand_id   A,B
#
# COMPACT_ATOMS: atom_id res chain seq x y z
N ALA A 1 31.21 0.02 -13.56
CA ALA A 1 31.40 0.38 -12.15
C ALA A 1 30.17 0.26 -11.27
N ILE A 2 28.95 0.50 -11.77
CA ILE A 2 27.78 0.19 -10.95
C ILE A 2 26.98 -0.97 -11.57
N LYS A 3 26.75 -1.99 -10.76
CA LYS A 3 25.78 -3.02 -11.02
C LYS A 3 24.79 -2.85 -9.87
N GLY A 4 23.75 -2.08 -10.12
CA GLY A 4 22.91 -1.58 -9.09
C GLY A 4 21.63 -2.38 -9.00
N GLY A 5 21.14 -2.52 -7.78
CA GLY A 5 19.81 -3.10 -7.54
C GLY A 5 19.01 -2.39 -6.47
N TYR A 6 17.76 -2.03 -6.77
CA TYR A 6 16.87 -1.48 -5.74
C TYR A 6 16.12 -2.62 -5.04
N TRP A 7 16.16 -2.60 -3.72
CA TRP A 7 15.33 -3.46 -2.90
C TRP A 7 14.18 -2.62 -2.38
N TYR A 8 12.97 -2.94 -2.81
CA TYR A 8 11.80 -2.19 -2.38
C TYR A 8 11.22 -2.85 -1.14
N SER A 9 11.23 -2.12 -0.03
CA SER A 9 10.91 -2.72 1.25
C SER A 9 9.51 -3.36 1.32
N GLY A 10 8.55 -2.84 0.56
CA GLY A 10 7.20 -3.41 0.54
C GLY A 10 7.03 -4.61 -0.39
N SER A 11 8.11 -5.08 -1.00
CA SER A 11 8.09 -6.17 -2.02
C SER A 11 7.85 -7.58 -1.50
N GLY A 12 8.08 -7.84 -0.22
CA GLY A 12 7.94 -9.22 0.28
C GLY A 12 9.24 -9.99 0.27
N LEU A 13 10.26 -9.52 -0.45
CA LEU A 13 11.56 -10.14 -0.33
C LEU A 13 12.21 -9.66 0.98
N ALA A 14 12.60 -10.61 1.81
CA ALA A 14 13.34 -10.33 3.04
C ALA A 14 14.79 -10.03 2.69
N VAL A 15 15.39 -9.12 3.44
CA VAL A 15 16.78 -8.72 3.20
C VAL A 15 17.73 -9.93 3.18
N SER A 16 17.48 -10.91 4.05
CA SER A 16 18.35 -12.07 4.11
C SER A 16 18.28 -12.98 2.85
N ASP A 17 17.23 -12.83 2.03
CA ASP A 17 17.05 -13.59 0.77
C ASP A 17 17.65 -12.87 -0.45
N ILE A 18 18.06 -11.62 -0.28
CA ILE A 18 18.79 -10.90 -1.32
C ILE A 18 20.08 -11.65 -1.56
N ASN A 19 20.40 -11.85 -2.83
CA ASN A 19 21.70 -12.33 -3.28
C ASN A 19 22.53 -11.15 -3.78
N PRO A 20 23.38 -10.61 -2.91
CA PRO A 20 24.17 -9.42 -3.25
C PRO A 20 25.38 -9.75 -4.14
N SER A 21 25.61 -11.02 -4.45
CA SER A 21 26.69 -11.41 -5.32
C SER A 21 26.66 -10.77 -6.71
N HIS A 22 25.47 -10.43 -7.20
CA HIS A 22 25.32 -9.91 -8.56
C HIS A 22 25.30 -8.39 -8.63
N PHE A 23 25.63 -7.73 -7.53
CA PHE A 23 25.55 -6.27 -7.44
C PHE A 23 26.77 -5.67 -6.80
N THR A 24 27.08 -4.44 -7.16
CA THR A 24 28.06 -3.64 -6.48
C THR A 24 27.38 -2.68 -5.51
N HIS A 25 26.14 -2.31 -5.81
CA HIS A 25 25.43 -1.30 -5.03
C HIS A 25 23.98 -1.72 -4.87
N LEU A 26 23.48 -1.63 -3.64
CA LEU A 26 22.11 -1.97 -3.32
C LEU A 26 21.42 -0.77 -2.70
N PHE A 27 20.23 -0.45 -3.20
CA PHE A 27 19.49 0.66 -2.70
C PHE A 27 18.33 0.14 -1.87
N CYS A 28 18.22 0.66 -0.64
CA CYS A 28 17.15 0.28 0.26
C CYS A 28 16.04 1.34 0.18
N ALA A 29 14.89 0.97 -0.39
CA ALA A 29 13.82 1.90 -0.77
C ALA A 29 12.55 1.66 0.04
N PHE A 30 11.96 2.67 0.67
CA PHE A 30 12.42 4.05 0.71
C PHE A 30 12.28 4.56 2.14
N ALA A 31 13.17 5.45 2.53
CA ALA A 31 12.89 6.33 3.65
C ALA A 31 11.88 7.37 3.19
N ASP A 32 11.14 7.89 4.16
CA ASP A 32 10.11 8.88 3.92
C ASP A 32 10.61 10.29 4.26
N LEU A 33 10.13 11.28 3.50
CA LEU A 33 10.36 12.68 3.82
C LEU A 33 9.18 13.18 4.67
N ASP A 34 9.48 13.65 5.88
CA ASP A 34 8.43 14.14 6.77
C ASP A 34 8.08 15.56 6.32
N PRO A 35 6.82 15.79 5.87
CA PRO A 35 6.44 17.11 5.39
C PRO A 35 6.53 18.19 6.48
N ASN A 36 6.36 17.80 7.75
CA ASN A 36 6.35 18.79 8.82
C ASN A 36 7.74 19.30 9.19
N THR A 37 8.65 18.36 9.47
CA THR A 37 10.00 18.70 9.90
C THR A 37 10.96 18.83 8.72
N ASN A 38 10.54 18.27 7.58
CA ASN A 38 11.43 18.06 6.45
C ASN A 38 12.65 17.17 6.77
N LYS A 39 12.52 16.35 7.82
CA LYS A 39 13.51 15.33 8.12
C LYS A 39 13.26 14.02 7.35
N LEU A 40 14.35 13.32 7.08
CA LEU A 40 14.26 11.99 6.59
C LEU A 40 13.87 11.13 7.77
N THR A 41 12.82 10.33 7.59
CA THR A 41 12.35 9.40 8.62
C THR A 41 12.27 7.98 8.03
N ILE A 42 12.29 7.01 8.92
CA ILE A 42 12.04 5.63 8.55
C ILE A 42 10.75 5.25 9.29
N SER A 43 9.80 4.68 8.56
CA SER A 43 8.56 4.17 9.16
C SER A 43 8.86 3.08 10.19
N SER A 44 8.01 2.97 11.21
CA SER A 44 8.16 1.92 12.23
C SER A 44 8.13 0.50 11.60
N SER A 45 7.38 0.33 10.51
CA SER A 45 7.42 -0.92 9.73
C SER A 45 8.82 -1.27 9.18
N ASN A 46 9.55 -0.27 8.70
CA ASN A 46 10.83 -0.50 8.02
C ASN A 46 12.06 -0.47 8.92
N ALA A 47 11.90 -0.04 10.17
CA ALA A 47 13.06 0.31 11.01
C ALA A 47 13.98 -0.88 11.26
N ALA A 48 13.41 -2.06 11.49
CA ALA A 48 14.24 -3.22 11.76
C ALA A 48 15.00 -3.70 10.51
N ALA A 49 14.32 -3.72 9.37
CA ALA A 49 14.95 -4.14 8.12
C ALA A 49 16.04 -3.16 7.65
N PHE A 50 15.70 -1.87 7.70
CA PHE A 50 16.65 -0.83 7.33
C PHE A 50 17.88 -0.84 8.25
N SER A 51 17.66 -0.99 9.57
CA SER A 51 18.80 -0.92 10.50
C SER A 51 19.79 -2.07 10.32
N THR A 52 19.34 -3.20 9.77
CA THR A 52 20.23 -4.35 9.58
C THR A 52 20.50 -4.71 8.10
N PHE A 53 20.02 -3.85 7.20
CA PHE A 53 20.12 -4.08 5.74
C PHE A 53 21.57 -4.31 5.34
N THR A 54 22.43 -3.36 5.66
CA THR A 54 23.80 -3.43 5.26
C THR A 54 24.56 -4.59 5.89
N GLN A 55 24.43 -4.78 7.20
CA GLN A 55 25.07 -5.91 7.91
C GLN A 55 24.66 -7.24 7.26
N THR A 56 23.39 -7.35 6.93
CA THR A 56 22.86 -8.59 6.39
C THR A 56 23.45 -8.87 4.99
N VAL A 57 23.33 -7.90 4.08
CA VAL A 57 23.82 -8.09 2.72
C VAL A 57 25.34 -8.30 2.65
N ARG A 58 26.09 -7.60 3.50
CA ARG A 58 27.57 -7.72 3.51
C ARG A 58 28.06 -9.08 4.04
N ALA A 59 27.25 -9.78 4.82
CA ALA A 59 27.58 -11.15 5.23
C ALA A 59 27.72 -12.06 4.01
N LYS A 60 27.04 -11.73 2.91
CA LYS A 60 27.12 -12.54 1.71
C LYS A 60 28.04 -11.93 0.64
N ASN A 61 28.11 -10.61 0.59
CA ASN A 61 29.01 -9.92 -0.32
C ASN A 61 29.60 -8.71 0.40
N PRO A 62 30.75 -8.91 1.05
CA PRO A 62 31.36 -7.90 1.92
C PRO A 62 31.78 -6.62 1.22
N SER A 63 31.90 -6.67 -0.10
CA SER A 63 32.35 -5.51 -0.85
C SER A 63 31.15 -4.72 -1.42
N VAL A 64 29.92 -5.20 -1.19
CA VAL A 64 28.73 -4.51 -1.70
C VAL A 64 28.54 -3.21 -0.95
N LYS A 65 28.08 -2.18 -1.65
CA LYS A 65 27.83 -0.88 -1.07
C LYS A 65 26.32 -0.67 -1.03
N THR A 66 25.83 0.06 -0.04
CA THR A 66 24.44 0.25 0.22
C THR A 66 24.13 1.72 0.29
N LEU A 67 22.96 2.08 -0.19
CA LEU A 67 22.47 3.43 -0.08
C LEU A 67 21.02 3.40 0.34
N LEU A 68 20.62 4.43 1.07
CA LEU A 68 19.28 4.60 1.51
C LEU A 68 18.60 5.53 0.54
N SER A 69 17.57 5.03 -0.11
CA SER A 69 16.81 5.79 -1.06
CA SER A 69 16.80 5.82 -1.06
C SER A 69 15.68 6.54 -0.36
N ILE A 70 15.41 7.75 -0.86
CA ILE A 70 14.50 8.66 -0.22
C ILE A 70 13.46 9.06 -1.23
N GLY A 71 12.21 8.82 -0.88
CA GLY A 71 11.10 9.31 -1.71
C GLY A 71 10.34 8.12 -2.24
N GLY A 72 10.36 7.97 -3.56
CA GLY A 72 9.49 7.02 -4.25
C GLY A 72 8.69 7.71 -5.35
N GLY A 73 8.07 6.91 -6.21
CA GLY A 73 7.03 7.40 -7.14
C GLY A 73 5.71 7.55 -6.39
N GLY A 74 5.64 8.57 -5.51
CA GLY A 74 4.48 8.75 -4.60
C GLY A 74 3.49 9.77 -5.13
N GLY A 75 3.53 10.02 -6.44
CA GLY A 75 2.65 10.96 -7.11
C GLY A 75 2.96 12.44 -6.92
N ARG A 76 2.01 13.28 -7.32
CA ARG A 76 2.20 14.71 -7.30
C ARG A 76 2.31 15.22 -5.89
N ALA A 77 1.68 14.55 -4.94
CA ALA A 77 1.72 14.98 -3.53
C ALA A 77 3.14 14.92 -2.97
N LEU A 78 3.81 13.78 -3.16
CA LEU A 78 5.19 13.63 -2.75
C LEU A 78 6.09 14.62 -3.51
N ALA A 79 5.85 14.80 -4.80
CA ALA A 79 6.61 15.80 -5.56
C ALA A 79 6.48 17.17 -4.91
N ALA A 80 5.25 17.50 -4.48
CA ALA A 80 4.96 18.78 -3.82
C ALA A 80 5.81 18.95 -2.55
N VAL A 81 5.80 17.91 -1.72
CA VAL A 81 6.59 17.88 -0.51
C VAL A 81 8.08 18.12 -0.76
N PHE A 82 8.64 17.45 -1.77
CA PHE A 82 10.06 17.66 -2.06
C PHE A 82 10.25 19.08 -2.51
N ALA A 83 9.32 19.55 -3.34
CA ALA A 83 9.39 20.88 -3.91
C ALA A 83 9.41 21.96 -2.83
N ASN A 84 8.56 21.83 -1.83
CA ASN A 84 8.48 22.79 -0.75
C ASN A 84 9.72 22.68 0.16
N MET A 85 10.18 21.45 0.47
CA MET A 85 11.44 21.27 1.18
C MET A 85 12.57 22.03 0.48
N ALA A 86 12.67 21.84 -0.84
CA ALA A 86 13.80 22.38 -1.60
C ALA A 86 13.74 23.90 -1.72
N SER A 87 12.59 24.49 -1.42
CA SER A 87 12.39 25.91 -1.73
C SER A 87 13.10 26.86 -0.73
N GLN A 88 13.35 26.38 0.49
CA GLN A 88 13.92 27.19 1.58
C GLN A 88 15.24 26.57 2.08
N ALA A 89 16.26 27.40 2.26
CA ALA A 89 17.56 26.96 2.81
C ALA A 89 17.44 26.22 4.13
N SER A 90 16.53 26.64 5.00
CA SER A 90 16.41 26.01 6.34
C SER A 90 15.73 24.65 6.29
N ARG A 91 14.78 24.49 5.37
CA ARG A 91 14.18 23.18 5.09
C ARG A 91 15.18 22.21 4.49
N ARG A 92 15.93 22.67 3.50
CA ARG A 92 16.99 21.87 2.89
C ARG A 92 17.97 21.42 3.97
N LYS A 93 18.29 22.32 4.90
CA LYS A 93 19.19 22.00 6.01
C LYS A 93 18.67 20.88 6.89
N SER A 94 17.38 20.90 7.24
CA SER A 94 16.77 19.83 8.07
C SER A 94 16.85 18.47 7.38
N PHE A 95 16.57 18.49 6.08
CA PHE A 95 16.61 17.31 5.26
C PHE A 95 18.03 16.79 5.11
N ILE A 96 18.96 17.69 4.85
CA ILE A 96 20.34 17.32 4.68
C ILE A 96 20.90 16.75 5.97
N ASP A 97 20.70 17.46 7.07
CA ASP A 97 21.24 16.99 8.34
C ASP A 97 20.63 15.65 8.72
N SER A 98 19.31 15.53 8.63
CA SER A 98 18.68 14.28 9.08
C SER A 98 19.02 13.08 8.19
N SER A 99 19.18 13.33 6.89
CA SER A 99 19.49 12.27 5.95
C SER A 99 20.87 11.69 6.24
N ILE A 100 21.84 12.56 6.47
CA ILE A 100 23.18 12.13 6.79
C ILE A 100 23.20 11.36 8.13
N GLN A 101 22.55 11.90 9.15
CA GLN A 101 22.53 11.23 10.46
C GLN A 101 21.84 9.86 10.43
N LEU A 102 20.74 9.79 9.68
CA LEU A 102 20.03 8.54 9.46
C LEU A 102 20.89 7.51 8.72
N ALA A 103 21.61 7.94 7.69
CA ALA A 103 22.51 7.05 6.98
C ALA A 103 23.59 6.51 7.92
N ARG A 104 24.17 7.38 8.74
CA ARG A 104 25.22 6.92 9.67
C ARG A 104 24.65 6.04 10.74
N ARG A 105 23.53 6.46 11.34
CA ARG A 105 22.90 5.70 12.42
C ARG A 105 22.44 4.32 11.97
N ASN A 106 22.16 4.16 10.67
CA ASN A 106 21.76 2.85 10.13
C ASN A 106 22.79 2.17 9.20
N ASN A 107 24.06 2.59 9.27
CA ASN A 107 25.16 1.89 8.61
C ASN A 107 24.95 1.78 7.07
N PHE A 108 24.47 2.87 6.48
CA PHE A 108 24.41 2.98 5.02
C PHE A 108 25.64 3.70 4.48
N HIS A 109 26.09 3.32 3.30
CA HIS A 109 27.24 3.96 2.68
C HIS A 109 26.86 5.21 1.91
N GLY A 110 25.58 5.46 1.75
CA GLY A 110 25.20 6.55 0.89
C GLY A 110 23.74 6.86 0.94
N LEU A 111 23.37 7.93 0.23
CA LEU A 111 21.97 8.37 0.10
C LEU A 111 21.61 8.57 -1.37
N ASP A 112 20.35 8.25 -1.70
CA ASP A 112 19.83 8.30 -3.06
C ASP A 112 18.53 9.11 -3.03
N LEU A 113 18.54 10.25 -3.69
CA LEU A 113 17.38 11.13 -3.78
C LEU A 113 16.42 10.75 -4.92
N ASP A 114 15.16 10.52 -4.60
CA ASP A 114 14.17 10.12 -5.60
CA ASP A 114 14.16 10.10 -5.60
C ASP A 114 12.99 11.06 -5.63
N TRP A 115 13.25 12.29 -6.01
CA TRP A 115 12.21 13.31 -6.16
C TRP A 115 11.66 13.20 -7.58
N GLU A 116 10.41 12.75 -7.69
CA GLU A 116 9.78 12.54 -8.97
C GLU A 116 8.61 13.49 -9.15
N TYR A 117 8.80 14.69 -9.73
CA TYR A 117 10.04 15.14 -10.38
C TYR A 117 10.10 16.65 -10.21
N PRO A 118 11.30 17.24 -10.26
CA PRO A 118 11.29 18.71 -10.40
C PRO A 118 10.50 19.10 -11.66
N SER A 119 9.60 20.06 -11.55
CA SER A 119 8.69 20.33 -12.66
C SER A 119 8.53 21.84 -12.97
N SER A 120 9.55 22.63 -12.65
CA SER A 120 9.61 24.06 -13.01
C SER A 120 11.06 24.56 -13.00
N ASP A 121 11.30 25.74 -13.58
CA ASP A 121 12.67 26.33 -13.57
C ASP A 121 13.11 26.68 -12.14
N ILE A 122 12.14 26.91 -11.27
CA ILE A 122 12.41 27.16 -9.85
C ILE A 122 12.78 25.85 -9.11
N ASP A 123 12.02 24.79 -9.39
CA ASP A 123 12.37 23.45 -8.95
C ASP A 123 13.78 23.11 -9.37
N LYS A 124 14.13 23.42 -10.62
CA LYS A 124 15.46 23.20 -11.15
C LYS A 124 16.53 23.89 -10.31
N THR A 125 16.33 25.18 -10.03
CA THR A 125 17.34 25.96 -9.29
C THR A 125 17.45 25.45 -7.86
N ASN A 126 16.30 25.16 -7.25
CA ASN A 126 16.26 24.60 -5.89
C ASN A 126 16.92 23.21 -5.79
N PHE A 127 16.78 22.43 -6.87
CA PHE A 127 17.40 21.10 -6.95
C PHE A 127 18.91 21.22 -6.92
N ALA A 128 19.43 22.14 -7.72
CA ALA A 128 20.84 22.51 -7.75
C ALA A 128 21.33 22.97 -6.35
N SER A 129 20.58 23.84 -5.69
CA SER A 129 20.93 24.29 -4.34
C SER A 129 20.93 23.16 -3.34
N LEU A 130 19.88 22.35 -3.39
CA LEU A 130 19.77 21.19 -2.53
C LEU A 130 20.97 20.27 -2.68
N ILE A 131 21.36 19.95 -3.90
CA ILE A 131 22.45 18.98 -4.07
C ILE A 131 23.84 19.57 -3.79
N ARG A 132 24.03 20.85 -4.06
CA ARG A 132 25.29 21.53 -3.68
C ARG A 132 25.44 21.58 -2.15
N GLU A 133 24.39 21.97 -1.46
CA GLU A 133 24.38 22.00 0.00
C GLU A 133 24.53 20.61 0.63
N TRP A 134 24.03 19.59 -0.06
CA TRP A 134 24.11 18.22 0.41
C TRP A 134 25.52 17.72 0.29
N ARG A 135 26.16 18.00 -0.85
CA ARG A 135 27.55 17.65 -1.09
C ARG A 135 28.42 18.36 -0.06
N ALA A 136 28.12 19.63 0.21
CA ALA A 136 28.89 20.42 1.18
C ALA A 136 28.77 19.84 2.59
N ALA A 137 27.56 19.46 2.97
CA ALA A 137 27.33 18.78 4.26
C ALA A 137 28.01 17.42 4.34
N VAL A 138 27.92 16.63 3.28
CA VAL A 138 28.60 15.33 3.18
C VAL A 138 30.12 15.48 3.28
N ALA A 139 30.71 16.47 2.59
CA ALA A 139 32.16 16.68 2.67
C ALA A 139 32.54 17.17 4.10
N THR A 140 31.75 18.07 4.65
CA THR A 140 32.01 18.59 6.02
C THR A 140 31.85 17.51 7.09
N GLU A 141 30.75 16.76 7.04
CA GLU A 141 30.51 15.68 8.00
C GLU A 141 31.62 14.63 7.95
N SER A 142 32.11 14.33 6.75
CA SER A 142 33.15 13.35 6.58
C SER A 142 34.49 13.90 7.15
N SER A 143 34.80 15.14 6.82
CA SER A 143 36.07 15.71 7.26
C SER A 143 36.08 15.94 8.78
N THR A 144 34.96 16.40 9.32
CA THR A 144 34.90 16.72 10.73
C THR A 144 34.87 15.47 11.59
N SER A 145 34.27 14.37 11.11
CA SER A 145 34.19 13.13 11.88
C SER A 145 35.34 12.15 11.60
N GLY A 146 35.93 12.21 10.42
CA GLY A 146 36.93 11.22 10.00
C GLY A 146 36.36 10.01 9.27
N THR A 147 35.03 9.89 9.29
CA THR A 147 34.29 8.76 8.72
C THR A 147 34.28 8.89 7.20
N PRO A 148 34.56 7.80 6.48
CA PRO A 148 34.57 7.86 5.02
C PRO A 148 33.24 8.46 4.47
N ALA A 149 33.35 9.35 3.49
CA ALA A 149 32.24 10.20 3.05
C ALA A 149 31.10 9.37 2.50
N LEU A 150 29.88 9.82 2.77
CA LEU A 150 28.72 9.20 2.15
C LEU A 150 28.74 9.39 0.63
N LEU A 151 28.23 8.39 -0.08
CA LEU A 151 27.94 8.51 -1.50
C LEU A 151 26.62 9.27 -1.65
N LEU A 152 26.53 10.05 -2.72
CA LEU A 152 25.30 10.76 -3.07
C LEU A 152 24.86 10.44 -4.48
N SER A 153 23.63 9.94 -4.63
CA SER A 153 23.04 9.73 -5.98
C SER A 153 21.63 10.26 -6.01
N ALA A 154 21.06 10.29 -7.20
CA ALA A 154 19.65 10.61 -7.38
C ALA A 154 19.11 9.71 -8.47
N ALA A 155 17.86 9.27 -8.30
CA ALA A 155 17.09 8.67 -9.39
C ALA A 155 16.39 9.77 -10.21
N VAL A 156 16.59 9.79 -11.54
CA VAL A 156 16.11 10.92 -12.35
C VAL A 156 15.28 10.46 -13.55
N GLY A 157 14.38 11.31 -14.02
CA GLY A 157 13.56 11.00 -15.19
C GLY A 157 14.44 10.60 -16.34
N GLY A 158 14.01 9.57 -17.08
CA GLY A 158 14.85 8.97 -18.10
C GLY A 158 14.52 9.34 -19.55
N SER A 159 13.56 10.24 -19.73
CA SER A 159 13.12 10.63 -21.07
C SER A 159 12.22 11.81 -20.93
N ASP A 160 12.21 12.67 -21.97
CA ASP A 160 11.21 13.73 -22.00
C ASP A 160 9.79 13.19 -22.03
N GLN A 161 9.64 11.92 -22.38
CA GLN A 161 8.32 11.28 -22.33
C GLN A 161 7.78 11.24 -20.90
N ILE A 162 8.66 11.07 -19.93
CA ILE A 162 8.26 10.93 -18.54
C ILE A 162 8.06 12.29 -17.88
N THR A 163 9.01 13.18 -18.09
CA THR A 163 8.98 14.50 -17.46
C THR A 163 9.95 15.38 -18.24
N PRO A 164 9.71 16.68 -18.26
CA PRO A 164 10.62 17.57 -18.97
C PRO A 164 12.02 17.63 -18.31
N LEU A 165 13.02 17.11 -19.03
CA LEU A 165 14.35 16.98 -18.50
C LEU A 165 15.04 18.33 -18.39
N LYS A 166 14.48 19.34 -19.04
CA LYS A 166 14.94 20.72 -18.86
C LYS A 166 14.85 21.25 -17.42
N TYR A 167 14.03 20.63 -16.57
CA TYR A 167 13.91 21.02 -15.17
C TYR A 167 14.93 20.34 -14.22
N TYR A 168 15.90 19.63 -14.79
CA TYR A 168 17.06 19.15 -14.02
C TYR A 168 18.28 20.01 -14.29
N PRO A 169 19.05 20.35 -13.24
CA PRO A 169 20.28 21.10 -13.43
C PRO A 169 21.46 20.18 -13.70
N GLY A 170 21.74 19.89 -14.97
CA GLY A 170 22.75 18.87 -15.33
C GLY A 170 24.14 19.15 -14.81
N GLU A 171 24.56 20.40 -14.90
CA GLU A 171 25.88 20.79 -14.39
C GLU A 171 25.98 20.66 -12.87
N ALA A 172 24.96 21.08 -12.14
CA ALA A 172 24.99 20.92 -10.69
C ALA A 172 25.05 19.43 -10.29
N ILE A 173 24.30 18.60 -11.02
CA ILE A 173 24.40 17.15 -10.86
C ILE A 173 25.79 16.62 -11.10
N ALA A 174 26.43 17.02 -12.21
CA ALA A 174 27.77 16.53 -12.54
C ALA A 174 28.81 16.87 -11.45
N ASN A 175 28.65 18.01 -10.83
CA ASN A 175 29.66 18.46 -9.89
C ASN A 175 29.39 18.02 -8.44
N ASN A 176 28.16 17.57 -8.15
CA ASN A 176 27.71 17.36 -6.78
C ASN A 176 27.24 15.95 -6.44
N LEU A 177 26.71 15.21 -7.41
CA LEU A 177 26.33 13.84 -7.15
C LEU A 177 27.36 12.92 -7.70
N ASP A 178 27.51 11.77 -7.06
CA ASP A 178 28.45 10.76 -7.53
C ASP A 178 28.00 10.09 -8.84
N TRP A 179 26.71 9.85 -8.96
CA TRP A 179 26.12 9.47 -10.25
C TRP A 179 24.61 9.64 -10.13
N VAL A 180 23.92 9.49 -11.25
CA VAL A 180 22.48 9.44 -11.26
C VAL A 180 21.97 8.13 -11.86
N ASN A 181 20.86 7.66 -11.32
CA ASN A 181 20.15 6.49 -11.79
C ASN A 181 19.07 6.98 -12.75
N VAL A 182 19.32 6.83 -14.05
CA VAL A 182 18.48 7.35 -15.07
C VAL A 182 17.33 6.36 -15.30
N MET A 183 16.12 6.83 -15.03
CA MET A 183 14.95 5.92 -15.05
C MET A 183 14.41 5.75 -16.47
N THR A 184 15.15 4.96 -17.25
CA THR A 184 14.88 4.76 -18.65
C THR A 184 13.83 3.64 -18.85
N TYR A 185 12.65 3.84 -18.29
CA TYR A 185 11.58 2.85 -18.37
C TYR A 185 10.24 3.52 -18.15
N ASP A 186 9.17 2.75 -18.35
CA ASP A 186 7.76 3.28 -18.32
C ASP A 186 7.47 4.37 -19.37
N LEU A 187 8.13 4.31 -20.51
CA LEU A 187 7.89 5.25 -21.59
C LEU A 187 6.57 5.01 -22.30
N TYR A 188 6.31 3.75 -22.60
CA TYR A 188 5.14 3.38 -23.38
C TYR A 188 4.36 2.31 -22.65
N THR A 189 3.55 2.72 -21.67
CA THR A 189 2.83 1.79 -20.82
C THR A 189 1.49 1.39 -21.43
N SER A 190 0.95 0.28 -20.97
CA SER A 190 -0.31 -0.24 -21.50
C SER A 190 -1.51 0.59 -21.03
N ASP A 191 -1.32 1.33 -19.95
CA ASP A 191 -2.31 2.26 -19.43
CA ASP A 191 -2.33 2.28 -19.44
C ASP A 191 -2.43 3.51 -20.33
N SER A 192 -1.30 4.02 -20.78
CA SER A 192 -1.29 5.20 -21.66
C SER A 192 -1.51 4.86 -23.16
N TYR A 193 -1.09 3.68 -23.61
CA TYR A 193 -1.24 3.28 -25.00
C TYR A 193 -1.97 1.96 -25.11
N PRO A 194 -3.24 1.93 -24.71
CA PRO A 194 -3.96 0.66 -24.58
C PRO A 194 -4.35 -0.02 -25.89
N THR A 195 -4.34 0.70 -27.02
CA THR A 195 -4.92 0.16 -28.26
C THR A 195 -3.87 -0.43 -29.19
N LEU A 196 -2.57 -0.23 -28.90
CA LEU A 196 -1.53 -0.91 -29.66
C LEU A 196 -0.43 -1.41 -28.73
N THR A 197 -0.01 -2.64 -28.93
CA THR A 197 1.09 -3.20 -28.11
C THR A 197 2.36 -2.35 -28.28
N GLN A 198 3.13 -2.23 -27.20
CA GLN A 198 4.31 -1.37 -27.22
C GLN A 198 5.47 -2.06 -26.55
N PRO A 199 6.68 -1.59 -26.86
CA PRO A 199 7.85 -1.86 -26.04
C PRO A 199 7.85 -0.81 -24.94
N PRO A 200 7.66 -1.20 -23.67
CA PRO A 200 7.45 -0.14 -22.67
C PRO A 200 8.66 0.68 -22.38
N ALA A 201 9.85 0.10 -22.53
CA ALA A 201 11.11 0.76 -22.20
C ALA A 201 12.12 0.53 -23.31
N PRO A 202 11.80 0.96 -24.53
CA PRO A 202 12.62 0.62 -25.66
C PRO A 202 13.93 1.38 -25.63
N LEU A 203 14.99 0.70 -26.04
CA LEU A 203 16.30 1.37 -26.20
C LEU A 203 16.25 2.41 -27.32
N PHE A 204 15.63 2.05 -28.45
CA PHE A 204 15.39 2.92 -29.59
C PHE A 204 13.91 2.88 -29.96
N TYR A 205 13.38 3.97 -30.50
CA TYR A 205 11.96 3.99 -30.86
C TYR A 205 11.77 4.76 -32.18
N PRO A 206 12.12 4.11 -33.31
CA PRO A 206 12.16 4.86 -34.55
C PRO A 206 10.80 5.34 -35.05
N ARG A 207 9.71 4.80 -34.53
CA ARG A 207 8.41 5.39 -34.87
C ARG A 207 8.03 6.63 -34.09
N GLY A 208 8.85 7.06 -33.15
CA GLY A 208 8.52 8.24 -32.39
C GLY A 208 9.76 9.04 -32.03
N ILE A 209 9.71 9.72 -30.90
CA ILE A 209 10.78 10.64 -30.53
C ILE A 209 11.37 10.39 -29.15
N PHE A 210 10.79 9.46 -28.39
CA PHE A 210 11.28 9.18 -27.03
C PHE A 210 11.75 7.74 -26.89
N SER A 211 12.85 7.53 -26.17
CA SER A 211 13.43 6.21 -25.97
C SER A 211 14.49 6.31 -24.89
N ALA A 212 14.99 5.18 -24.41
CA ALA A 212 16.12 5.24 -23.48
C ALA A 212 17.32 5.94 -24.13
N ASP A 213 17.57 5.67 -25.41
CA ASP A 213 18.69 6.30 -26.11
C ASP A 213 18.50 7.82 -26.17
N GLU A 214 17.29 8.24 -26.47
CA GLU A 214 17.01 9.68 -26.46
C GLU A 214 17.32 10.28 -25.07
N GLY A 215 16.84 9.61 -24.03
CA GLY A 215 17.04 10.11 -22.68
C GLY A 215 18.49 10.19 -22.26
N ILE A 216 19.25 9.15 -22.57
CA ILE A 216 20.65 9.11 -22.23
C ILE A 216 21.39 10.25 -22.99
N THR A 217 21.07 10.40 -24.26
CA THR A 217 21.65 11.45 -25.09
C THR A 217 21.32 12.82 -24.50
N LYS A 218 20.06 13.02 -24.11
CA LYS A 218 19.67 14.30 -23.51
C LYS A 218 20.40 14.61 -22.21
N TRP A 219 20.55 13.61 -21.35
CA TRP A 219 21.32 13.74 -20.11
C TRP A 219 22.77 14.12 -20.40
N ILE A 220 23.36 13.51 -21.41
CA ILE A 220 24.76 13.85 -21.76
C ILE A 220 24.82 15.28 -22.32
N GLN A 221 23.89 15.62 -23.22
CA GLN A 221 23.78 16.98 -23.78
C GLN A 221 23.53 18.03 -22.68
N SER A 222 22.90 17.63 -21.58
CA SER A 222 22.49 18.54 -20.52
C SER A 222 23.58 18.92 -19.54
N GLY A 223 24.73 18.27 -19.67
CA GLY A 223 25.86 18.58 -18.83
C GLY A 223 26.34 17.44 -17.94
N VAL A 224 25.70 16.28 -18.00
CA VAL A 224 26.16 15.14 -17.21
C VAL A 224 26.99 14.19 -18.03
N PRO A 225 28.22 13.93 -17.58
CA PRO A 225 29.09 13.03 -18.31
C PRO A 225 28.62 11.57 -18.29
N GLU A 226 28.83 10.84 -19.37
CA GLU A 226 28.38 9.45 -19.42
C GLU A 226 28.84 8.61 -18.22
N SER A 227 30.00 8.93 -17.67
CA SER A 227 30.59 8.16 -16.56
C SER A 227 29.87 8.40 -15.21
N LYS A 228 28.91 9.34 -15.19
CA LYS A 228 28.03 9.56 -14.06
C LYS A 228 26.56 9.14 -14.30
N LEU A 229 26.31 8.43 -15.41
CA LEU A 229 24.94 7.94 -15.71
C LEU A 229 24.88 6.41 -15.54
N ALA A 230 23.88 5.94 -14.79
CA ALA A 230 23.60 4.51 -14.69
C ALA A 230 22.27 4.26 -15.45
N LEU A 231 22.28 3.32 -16.39
CA LEU A 231 21.09 2.98 -17.17
C LEU A 231 20.09 2.14 -16.39
N GLY A 232 18.84 2.59 -16.35
CA GLY A 232 17.85 1.85 -15.64
C GLY A 232 17.28 0.69 -16.39
N LEU A 233 17.10 -0.41 -15.67
CA LEU A 233 16.56 -1.64 -16.22
C LEU A 233 15.31 -2.01 -15.44
N PRO A 234 14.18 -2.14 -16.15
CA PRO A 234 13.01 -2.58 -15.43
C PRO A 234 12.89 -4.12 -15.34
N PHE A 235 12.56 -4.62 -14.16
CA PHE A 235 12.32 -6.04 -13.93
C PHE A 235 10.83 -6.37 -13.97
N TYR A 236 10.08 -5.58 -14.72
CA TYR A 236 8.67 -5.77 -14.94
C TYR A 236 8.34 -5.23 -16.33
N GLY A 237 7.17 -5.59 -16.85
CA GLY A 237 6.67 -4.99 -18.07
C GLY A 237 5.20 -4.73 -17.96
N PHE A 238 4.59 -4.62 -19.13
CA PHE A 238 3.19 -4.28 -19.26
C PHE A 238 2.47 -5.29 -20.13
N LYS A 239 1.19 -5.48 -19.81
CA LYS A 239 0.36 -6.47 -20.45
C LYS A 239 -0.77 -5.77 -21.25
N TRP A 240 -1.14 -6.36 -22.38
CA TRP A 240 -2.24 -5.87 -23.23
C TRP A 240 -3.09 -7.08 -23.57
N ARG A 241 -4.34 -6.85 -23.90
CA ARG A 241 -5.14 -7.92 -24.52
C ARG A 241 -5.20 -7.68 -26.03
N LEU A 242 -4.77 -8.68 -26.78
CA LEU A 242 -4.80 -8.62 -28.24
C LEU A 242 -6.23 -8.70 -28.80
N SER A 243 -6.52 -7.92 -29.83
CA SER A 243 -7.70 -8.17 -30.68
C SER A 243 -7.71 -9.55 -31.29
N ASP A 244 -6.54 -10.00 -31.78
CA ASP A 244 -6.45 -11.24 -32.52
C ASP A 244 -5.20 -11.96 -32.04
N PRO A 245 -5.36 -13.17 -31.50
CA PRO A 245 -4.19 -13.93 -31.01
C PRO A 245 -3.17 -14.22 -32.11
N ASN A 246 -3.59 -14.14 -33.38
CA ASN A 246 -2.70 -14.33 -34.51
C ASN A 246 -1.95 -13.07 -34.93
N ASN A 247 -2.34 -11.93 -34.38
CA ASN A 247 -1.70 -10.65 -34.68
C ASN A 247 -1.01 -10.20 -33.37
N HIS A 248 0.25 -10.58 -33.20
CA HIS A 248 0.84 -10.56 -31.87
C HIS A 248 2.25 -10.00 -31.84
N GLY A 249 2.60 -9.19 -32.83
CA GLY A 249 3.90 -8.52 -32.83
C GLY A 249 3.87 -7.24 -32.05
N LEU A 250 4.90 -6.41 -32.21
CA LEU A 250 4.91 -5.06 -31.65
C LEU A 250 3.89 -4.23 -32.44
N PHE A 251 3.21 -3.28 -31.79
CA PHE A 251 2.25 -2.39 -32.44
C PHE A 251 1.07 -3.14 -33.04
N ALA A 252 0.72 -4.24 -32.39
CA ALA A 252 -0.44 -5.03 -32.78
C ALA A 252 -1.70 -4.44 -32.17
N PRO A 253 -2.85 -4.58 -32.87
CA PRO A 253 -4.09 -4.03 -32.32
C PRO A 253 -4.43 -4.74 -31.02
N ALA A 254 -4.75 -3.92 -30.02
CA ALA A 254 -5.12 -4.41 -28.70
C ALA A 254 -6.45 -3.77 -28.27
N THR A 255 -7.20 -4.47 -27.44
CA THR A 255 -8.50 -4.01 -27.02
C THR A 255 -8.40 -3.21 -25.73
N GLN A 256 -7.39 -3.49 -24.91
CA GLN A 256 -7.10 -2.67 -23.74
C GLN A 256 -5.77 -3.05 -23.08
N GLY A 257 -5.34 -2.17 -22.17
CA GLY A 257 -4.23 -2.43 -21.26
C GLY A 257 -4.63 -3.28 -20.07
N LEU A 258 -3.75 -4.22 -19.70
CA LEU A 258 -3.99 -5.16 -18.57
C LEU A 258 -2.94 -5.01 -17.44
N GLY A 259 -2.39 -3.82 -17.31
CA GLY A 259 -1.54 -3.47 -16.18
C GLY A 259 -0.09 -3.87 -16.32
N ALA A 260 0.62 -3.74 -15.20
CA ALA A 260 2.03 -4.00 -15.11
C ALA A 260 2.22 -5.35 -14.44
N VAL A 261 3.26 -6.08 -14.85
CA VAL A 261 3.45 -7.45 -14.41
C VAL A 261 4.95 -7.65 -14.18
N LYS A 262 5.29 -8.18 -13.00
CA LYS A 262 6.67 -8.54 -12.67
C LYS A 262 7.24 -9.56 -13.66
N TYR A 263 8.54 -9.42 -13.94
CA TYR A 263 9.25 -10.40 -14.81
C TYR A 263 8.96 -11.84 -14.39
N LYS A 264 9.15 -12.12 -13.12
CA LYS A 264 8.94 -13.48 -12.60
C LYS A 264 7.52 -14.04 -12.90
N ASP A 265 6.51 -13.17 -12.95
CA ASP A 265 5.14 -13.57 -13.33
C ASP A 265 4.95 -13.63 -14.84
N ILE A 266 5.73 -12.90 -15.61
CA ILE A 266 5.64 -13.01 -17.08
C ILE A 266 6.20 -14.36 -17.55
N VAL A 267 7.35 -14.74 -17.01
CA VAL A 267 7.99 -15.99 -17.36
C VAL A 267 7.03 -17.17 -17.03
N ASN A 268 6.30 -17.07 -15.94
CA ASN A 268 5.32 -18.11 -15.57
C ASN A 268 4.38 -18.51 -16.69
N THR A 269 4.06 -17.54 -17.55
CA THR A 269 3.03 -17.73 -18.55
C THR A 269 3.40 -18.76 -19.61
N GLY A 270 4.69 -18.98 -19.83
CA GLY A 270 5.16 -19.83 -20.91
C GLY A 270 4.83 -19.16 -22.24
N GLY A 271 4.15 -19.87 -23.14
CA GLY A 271 3.78 -19.22 -24.40
C GLY A 271 5.01 -19.02 -25.29
N GLN A 272 5.01 -17.97 -26.10
CA GLN A 272 6.06 -17.74 -27.08
C GLN A 272 6.80 -16.45 -26.76
N VAL A 273 8.12 -16.49 -26.74
CA VAL A 273 8.94 -15.32 -26.42
C VAL A 273 9.63 -14.84 -27.70
N GLU A 274 9.66 -13.53 -27.92
CA GLU A 274 10.32 -12.93 -29.08
C GLU A 274 11.26 -11.82 -28.64
N PHE A 275 12.14 -11.42 -29.54
CA PHE A 275 13.09 -10.33 -29.27
C PHE A 275 13.13 -9.42 -30.48
N ASP A 276 12.84 -8.14 -30.28
CA ASP A 276 12.93 -7.17 -31.36
C ASP A 276 14.23 -6.39 -31.23
N SER A 277 15.14 -6.55 -32.18
CA SER A 277 16.47 -5.98 -32.06
C SER A 277 16.56 -4.53 -32.56
N THR A 278 15.50 -4.01 -33.16
CA THR A 278 15.46 -2.59 -33.62
C THR A 278 15.08 -1.69 -32.43
N TYR A 279 14.03 -2.08 -31.70
CA TYR A 279 13.60 -1.40 -30.47
C TYR A 279 14.35 -1.86 -29.23
N VAL A 280 14.87 -3.09 -29.27
CA VAL A 280 15.57 -3.76 -28.17
C VAL A 280 14.57 -3.94 -27.03
N THR A 281 13.72 -4.94 -27.22
CA THR A 281 12.75 -5.32 -26.21
C THR A 281 12.42 -6.78 -26.40
N ASN A 282 11.99 -7.42 -25.34
CA ASN A 282 11.35 -8.68 -25.49
C ASN A 282 9.83 -8.50 -25.50
N TYR A 283 9.16 -9.52 -25.98
CA TYR A 283 7.72 -9.66 -25.78
C TYR A 283 7.33 -11.10 -25.79
N ARG A 284 6.15 -11.38 -25.23
CA ARG A 284 5.74 -12.74 -24.92
C ARG A 284 4.24 -12.81 -25.09
N PHE A 285 3.74 -13.88 -25.68
CA PHE A 285 2.29 -13.95 -25.93
C PHE A 285 1.77 -15.35 -25.76
N LYS A 286 0.52 -15.41 -25.32
CA LYS A 286 -0.24 -16.67 -25.18
C LYS A 286 -1.71 -16.32 -25.36
N GLY A 287 -2.34 -16.89 -26.39
CA GLY A 287 -3.69 -16.51 -26.74
C GLY A 287 -3.75 -15.02 -26.94
N THR A 288 -4.67 -14.34 -26.25
CA THR A 288 -4.80 -12.92 -26.42
C THR A 288 -4.01 -12.12 -25.40
N ASP A 289 -3.29 -12.81 -24.51
CA ASP A 289 -2.40 -12.14 -23.57
C ASP A 289 -1.08 -11.79 -24.23
N TRP A 290 -0.68 -10.53 -24.15
CA TRP A 290 0.60 -10.04 -24.70
C TRP A 290 1.34 -9.24 -23.65
N TYR A 291 2.64 -9.52 -23.53
CA TYR A 291 3.53 -8.82 -22.59
C TYR A 291 4.72 -8.20 -23.29
N GLY A 292 5.02 -6.94 -22.97
CA GLY A 292 6.19 -6.20 -23.52
C GLY A 292 7.07 -5.92 -22.31
N TYR A 293 8.32 -6.33 -22.34
CA TYR A 293 9.08 -6.33 -21.09
C TYR A 293 10.56 -6.69 -21.48
N ASP A 294 11.45 -6.63 -20.51
CA ASP A 294 12.82 -7.08 -20.74
C ASP A 294 13.07 -8.50 -20.20
N ASP A 295 13.49 -9.39 -21.10
CA ASP A 295 13.88 -10.74 -20.76
C ASP A 295 15.40 -10.70 -20.88
N THR A 296 16.00 -11.87 -20.81
CA THR A 296 17.45 -11.92 -20.78
C THR A 296 18.12 -11.29 -21.98
N GLN A 297 17.52 -11.43 -23.17
CA GLN A 297 18.13 -10.87 -24.37
C GLN A 297 18.20 -9.35 -24.33
N SER A 298 17.06 -8.69 -24.05
CA SER A 298 17.07 -7.24 -24.00
C SER A 298 17.88 -6.69 -22.84
N ILE A 299 17.86 -7.38 -21.69
CA ILE A 299 18.77 -7.05 -20.59
C ILE A 299 20.23 -7.08 -21.03
N SER A 300 20.66 -8.17 -21.64
CA SER A 300 22.04 -8.26 -22.14
CA SER A 300 22.03 -8.25 -22.16
C SER A 300 22.32 -7.14 -23.13
N ALA A 301 21.36 -6.86 -24.02
CA ALA A 301 21.51 -5.84 -25.06
C ALA A 301 21.66 -4.45 -24.44
N LYS A 302 20.87 -4.13 -23.42
CA LYS A 302 20.96 -2.83 -22.77
C LYS A 302 22.26 -2.62 -21.99
N VAL A 303 22.69 -3.68 -21.31
CA VAL A 303 23.94 -3.65 -20.59
C VAL A 303 25.12 -3.46 -21.56
N ALA A 304 25.12 -4.18 -22.67
CA ALA A 304 26.14 -3.96 -23.72
C ALA A 304 26.14 -2.50 -24.24
N TYR A 305 24.93 -1.93 -24.43
CA TYR A 305 24.76 -0.55 -24.87
C TYR A 305 25.42 0.39 -23.87
N ALA A 306 25.14 0.14 -22.60
CA ALA A 306 25.66 0.94 -21.51
C ALA A 306 27.17 0.91 -21.48
N LYS A 307 27.74 -0.26 -21.65
CA LYS A 307 29.18 -0.44 -21.57
C LYS A 307 29.87 0.22 -22.77
N GLN A 308 29.31 0.02 -23.96
CA GLN A 308 29.85 0.67 -25.17
C GLN A 308 29.80 2.18 -25.12
N ARG A 309 28.78 2.77 -24.49
CA ARG A 309 28.69 4.24 -24.40
C ARG A 309 29.54 4.80 -23.26
N GLY A 310 30.19 3.97 -22.48
CA GLY A 310 31.02 4.43 -21.40
C GLY A 310 30.22 4.91 -20.21
N LEU A 311 28.98 4.42 -20.07
CA LEU A 311 28.19 4.74 -18.92
C LEU A 311 28.81 4.16 -17.64
N PHE A 312 28.40 4.71 -16.51
CA PHE A 312 28.85 4.25 -15.20
C PHE A 312 28.41 2.80 -14.93
N GLY A 313 27.27 2.43 -15.49
CA GLY A 313 26.76 1.10 -15.28
C GLY A 313 25.29 1.07 -15.48
N TYR A 314 24.66 0.25 -14.65
CA TYR A 314 23.21 0.04 -14.74
C TYR A 314 22.60 -0.14 -13.36
N PHE A 315 21.27 -0.05 -13.27
CA PHE A 315 20.57 -0.44 -12.03
C PHE A 315 19.21 -1.08 -12.37
N ALA A 316 18.73 -1.94 -11.49
CA ALA A 316 17.48 -2.62 -11.69
C ALA A 316 16.44 -2.14 -10.71
N TRP A 317 15.25 -1.87 -11.24
CA TRP A 317 14.10 -1.61 -10.43
C TRP A 317 13.03 -2.72 -10.75
N HIS A 318 12.68 -3.62 -9.81
CA HIS A 318 13.37 -3.83 -8.56
C HIS A 318 13.61 -5.34 -8.40
N ILE A 319 14.49 -5.68 -7.48
CA ILE A 319 15.15 -6.98 -7.51
C ILE A 319 14.23 -8.14 -7.17
N GLU A 320 13.22 -7.88 -6.34
CA GLU A 320 12.24 -8.90 -6.00
C GLU A 320 11.45 -9.37 -7.23
N GLN A 321 11.38 -8.56 -8.29
CA GLN A 321 10.58 -8.90 -9.45
C GLN A 321 11.29 -9.91 -10.36
N ASP A 322 12.57 -10.12 -10.11
CA ASP A 322 13.38 -11.07 -10.87
C ASP A 322 12.93 -12.51 -10.54
N SER A 323 13.36 -13.47 -11.37
CA SER A 323 13.04 -14.88 -11.12
C SER A 323 14.35 -15.65 -10.92
N ASN A 324 14.60 -16.07 -9.68
CA ASN A 324 15.83 -16.79 -9.32
C ASN A 324 17.10 -16.07 -9.81
N TRP A 325 17.06 -14.75 -9.73
CA TRP A 325 18.19 -13.91 -10.12
C TRP A 325 18.55 -13.98 -11.61
N ALA A 326 17.66 -14.49 -12.45
CA ALA A 326 17.91 -14.62 -13.88
C ALA A 326 18.33 -13.30 -14.53
N LEU A 327 17.57 -12.21 -14.37
CA LEU A 327 17.96 -10.95 -15.02
C LEU A 327 19.19 -10.32 -14.33
N SER A 328 19.27 -10.45 -13.01
CA SER A 328 20.37 -9.90 -12.23
C SER A 328 21.70 -10.59 -12.68
N GLU A 329 21.64 -11.90 -12.84
CA GLU A 329 22.80 -12.71 -13.31
C GLU A 329 23.16 -12.33 -14.75
N THR A 330 22.14 -12.19 -15.58
CA THR A 330 22.36 -11.81 -16.97
C THR A 330 23.04 -10.44 -17.12
N ALA A 331 22.57 -9.44 -16.39
CA ALA A 331 23.13 -8.13 -16.45
C ALA A 331 24.60 -8.12 -15.97
N SER A 332 24.87 -8.81 -14.87
CA SER A 332 26.25 -8.89 -14.29
C SER A 332 27.20 -9.59 -15.27
N ARG A 333 26.71 -10.65 -15.89
CA ARG A 333 27.49 -11.39 -16.88
C ARG A 333 27.76 -10.55 -18.12
N ALA A 334 26.76 -9.84 -18.60
CA ALA A 334 26.94 -8.94 -19.72
C ALA A 334 27.98 -7.89 -19.46
N TRP A 335 28.03 -7.35 -18.25
CA TRP A 335 28.98 -6.29 -17.99
C TRP A 335 30.40 -6.86 -17.92
N GLY A 336 30.55 -8.03 -17.29
CA GLY A 336 31.88 -8.62 -17.02
C GLY A 336 32.48 -8.10 -15.72
N ALA B 1 -29.84 6.05 11.04
CA ALA B 1 -28.65 5.48 11.72
C ALA B 1 -28.15 4.24 10.98
N ILE B 2 -27.01 3.69 11.42
CA ILE B 2 -26.50 2.45 10.87
C ILE B 2 -26.55 1.35 11.94
N LYS B 3 -27.29 0.31 11.63
CA LYS B 3 -27.21 -0.97 12.32
C LYS B 3 -26.54 -1.91 11.32
N GLY B 4 -25.23 -1.99 11.37
CA GLY B 4 -24.45 -2.57 10.33
C GLY B 4 -23.96 -3.98 10.64
N GLY B 5 -23.86 -4.79 9.60
CA GLY B 5 -23.32 -6.13 9.71
C GLY B 5 -22.46 -6.51 8.51
N TYR B 6 -21.29 -7.04 8.80
CA TYR B 6 -20.46 -7.56 7.73
C TYR B 6 -20.78 -9.04 7.54
N TRP B 7 -21.00 -9.41 6.28
CA TRP B 7 -21.11 -10.79 5.91
C TRP B 7 -19.80 -11.16 5.27
N TYR B 8 -19.03 -12.04 5.90
CA TYR B 8 -17.75 -12.50 5.34
C TYR B 8 -18.04 -13.69 4.45
N SER B 9 -17.73 -13.57 3.16
CA SER B 9 -18.13 -14.58 2.16
C SER B 9 -17.57 -15.96 2.45
N GLY B 10 -16.38 -16.01 3.03
CA GLY B 10 -15.73 -17.27 3.39
C GLY B 10 -16.11 -17.84 4.76
N SER B 11 -17.18 -17.34 5.36
CA SER B 11 -17.65 -17.75 6.69
C SER B 11 -18.51 -19.04 6.73
N GLY B 12 -19.15 -19.38 5.62
CA GLY B 12 -19.98 -20.58 5.58
C GLY B 12 -21.44 -20.26 5.67
N LEU B 13 -21.77 -19.07 6.17
CA LEU B 13 -23.16 -18.64 6.22
C LEU B 13 -23.59 -18.27 4.81
N ALA B 14 -24.67 -18.90 4.32
CA ALA B 14 -25.16 -18.67 2.96
C ALA B 14 -25.91 -17.34 3.00
N VAL B 15 -25.89 -16.61 1.90
CA VAL B 15 -26.56 -15.32 1.84
C VAL B 15 -28.05 -15.47 2.23
N SER B 16 -28.68 -16.55 1.76
CA SER B 16 -30.12 -16.74 2.00
C SER B 16 -30.43 -17.05 3.46
N ASP B 17 -29.39 -17.39 4.24
CA ASP B 17 -29.56 -17.65 5.68
C ASP B 17 -29.28 -16.41 6.55
N ILE B 18 -28.78 -15.33 5.95
CA ILE B 18 -28.69 -14.06 6.66
C ILE B 18 -30.12 -13.63 7.06
N ASN B 19 -30.25 -13.13 8.28
CA ASN B 19 -31.49 -12.53 8.73
C ASN B 19 -31.27 -11.01 8.78
N PRO B 20 -31.67 -10.31 7.70
CA PRO B 20 -31.35 -8.87 7.57
C PRO B 20 -32.29 -7.96 8.36
N SER B 21 -33.23 -8.54 9.09
CA SER B 21 -34.17 -7.74 9.86
C SER B 21 -33.50 -6.97 11.01
N HIS B 22 -32.32 -7.42 11.45
CA HIS B 22 -31.59 -6.81 12.55
C HIS B 22 -30.58 -5.74 12.09
N PHE B 23 -30.59 -5.45 10.79
CA PHE B 23 -29.61 -4.58 10.17
C PHE B 23 -30.27 -3.54 9.27
N THR B 24 -29.61 -2.40 9.14
CA THR B 24 -29.98 -1.34 8.16
C THR B 24 -29.03 -1.40 6.96
N HIS B 25 -27.80 -1.90 7.18
CA HIS B 25 -26.75 -1.92 6.18
C HIS B 25 -25.98 -3.22 6.32
N LEU B 26 -25.80 -3.92 5.21
CA LEU B 26 -24.99 -5.13 5.17
C LEU B 26 -23.84 -4.96 4.20
N PHE B 27 -22.67 -5.39 4.63
CA PHE B 27 -21.44 -5.33 3.87
C PHE B 27 -21.07 -6.73 3.39
N CYS B 28 -20.88 -6.85 2.08
CA CYS B 28 -20.56 -8.10 1.45
C CYS B 28 -19.05 -8.06 1.27
N ALA B 29 -18.35 -8.91 2.01
CA ALA B 29 -16.91 -8.89 2.15
C ALA B 29 -16.26 -10.18 1.61
N PHE B 30 -15.23 -10.11 0.75
CA PHE B 30 -14.62 -8.89 0.20
C PHE B 30 -14.42 -9.08 -1.28
N ALA B 31 -14.52 -7.99 -2.01
CA ALA B 31 -13.95 -7.94 -3.35
C ALA B 31 -12.43 -7.81 -3.22
N ASP B 32 -11.71 -8.26 -4.26
CA ASP B 32 -10.23 -8.28 -4.22
C ASP B 32 -9.66 -7.12 -5.01
N LEU B 33 -8.49 -6.64 -4.63
CA LEU B 33 -7.79 -5.62 -5.41
C LEU B 33 -6.75 -6.34 -6.22
N ASP B 34 -6.86 -6.26 -7.55
CA ASP B 34 -5.90 -6.93 -8.45
C ASP B 34 -4.60 -6.12 -8.47
N PRO B 35 -3.45 -6.72 -8.05
CA PRO B 35 -2.24 -5.88 -7.98
C PRO B 35 -1.67 -5.44 -9.33
N ASN B 36 -2.00 -6.14 -10.40
CA ASN B 36 -1.48 -5.81 -11.72
C ASN B 36 -2.19 -4.61 -12.36
N THR B 37 -3.51 -4.54 -12.23
CA THR B 37 -4.32 -3.48 -12.89
C THR B 37 -4.76 -2.41 -11.91
N ASN B 38 -4.64 -2.69 -10.62
CA ASN B 38 -5.27 -1.89 -9.57
C ASN B 38 -6.78 -1.85 -9.67
N LYS B 39 -7.36 -2.89 -10.27
CA LYS B 39 -8.80 -2.99 -10.39
C LYS B 39 -9.41 -3.89 -9.34
N LEU B 40 -10.64 -3.55 -8.97
CA LEU B 40 -11.44 -4.32 -8.06
C LEU B 40 -11.91 -5.53 -8.86
N THR B 41 -11.77 -6.73 -8.26
CA THR B 41 -12.31 -7.97 -8.82
C THR B 41 -13.06 -8.83 -7.79
N ILE B 42 -13.93 -9.70 -8.30
CA ILE B 42 -14.66 -10.65 -7.48
C ILE B 42 -14.19 -12.05 -7.90
N SER B 43 -13.87 -12.91 -6.95
CA SER B 43 -13.44 -14.29 -7.25
C SER B 43 -14.58 -15.05 -7.90
N SER B 44 -14.24 -16.07 -8.71
CA SER B 44 -15.25 -16.88 -9.35
C SER B 44 -16.07 -17.64 -8.30
N SER B 45 -15.41 -18.05 -7.22
CA SER B 45 -16.12 -18.72 -6.12
C SER B 45 -17.14 -17.78 -5.43
N ASN B 46 -16.88 -16.47 -5.47
CA ASN B 46 -17.81 -15.48 -4.90
C ASN B 46 -18.79 -14.87 -5.89
N ALA B 47 -18.57 -15.06 -7.18
CA ALA B 47 -19.29 -14.31 -8.17
C ALA B 47 -20.80 -14.49 -8.02
N ALA B 48 -21.27 -15.70 -7.78
CA ALA B 48 -22.72 -15.92 -7.77
C ALA B 48 -23.35 -15.29 -6.54
N ALA B 49 -22.72 -15.48 -5.38
CA ALA B 49 -23.23 -14.92 -4.13
C ALA B 49 -23.23 -13.38 -4.17
N PHE B 50 -22.15 -12.78 -4.66
CA PHE B 50 -22.06 -11.31 -4.71
C PHE B 50 -23.13 -10.73 -5.63
N SER B 51 -23.29 -11.32 -6.82
CA SER B 51 -24.25 -10.77 -7.80
C SER B 51 -25.72 -10.79 -7.34
N THR B 52 -26.08 -11.70 -6.43
CA THR B 52 -27.45 -11.84 -5.94
C THR B 52 -27.63 -11.45 -4.47
N PHE B 53 -26.55 -10.98 -3.84
CA PHE B 53 -26.58 -10.58 -2.41
C PHE B 53 -27.73 -9.59 -2.11
N THR B 54 -27.79 -8.49 -2.83
CA THR B 54 -28.78 -7.44 -2.51
C THR B 54 -30.20 -7.94 -2.73
N GLN B 55 -30.46 -8.58 -3.87
CA GLN B 55 -31.76 -9.15 -4.19
C GLN B 55 -32.25 -10.08 -3.08
N THR B 56 -31.34 -10.92 -2.60
CA THR B 56 -31.65 -11.93 -1.61
C THR B 56 -32.04 -11.28 -0.29
N VAL B 57 -31.17 -10.42 0.25
CA VAL B 57 -31.43 -9.79 1.54
C VAL B 57 -32.62 -8.80 1.51
N ARG B 58 -32.78 -8.04 0.42
CA ARG B 58 -33.95 -7.16 0.34
C ARG B 58 -35.30 -7.88 0.32
N ALA B 59 -35.33 -9.09 -0.23
CA ALA B 59 -36.54 -9.91 -0.18
C ALA B 59 -37.00 -10.24 1.26
N LYS B 60 -36.05 -10.28 2.20
CA LYS B 60 -36.40 -10.49 3.61
C LYS B 60 -36.59 -9.17 4.36
N ASN B 61 -35.74 -8.18 4.11
CA ASN B 61 -35.86 -6.83 4.69
C ASN B 61 -35.76 -5.79 3.60
N PRO B 62 -36.89 -5.35 3.06
CA PRO B 62 -36.85 -4.36 1.99
C PRO B 62 -36.09 -3.09 2.32
N SER B 63 -36.03 -2.67 3.57
CA SER B 63 -35.35 -1.44 3.94
C SER B 63 -33.81 -1.54 3.99
N VAL B 64 -33.25 -2.73 3.90
CA VAL B 64 -31.81 -2.87 4.06
C VAL B 64 -31.01 -2.32 2.85
N LYS B 65 -29.88 -1.72 3.19
CA LYS B 65 -28.95 -1.23 2.20
C LYS B 65 -27.71 -2.10 2.22
N THR B 66 -27.05 -2.21 1.08
CA THR B 66 -25.90 -3.08 0.92
C THR B 66 -24.69 -2.33 0.32
N LEU B 67 -23.52 -2.75 0.75
CA LEU B 67 -22.28 -2.19 0.28
C LEU B 67 -21.33 -3.36 0.00
N LEU B 68 -20.51 -3.21 -1.05
CA LEU B 68 -19.49 -4.15 -1.42
C LEU B 68 -18.19 -3.68 -0.78
N SER B 69 -17.66 -4.50 0.13
CA SER B 69 -16.41 -4.21 0.84
CA SER B 69 -16.42 -4.18 0.83
C SER B 69 -15.18 -4.71 0.06
N ILE B 70 -14.12 -3.92 0.08
CA ILE B 70 -12.95 -4.13 -0.72
C ILE B 70 -11.71 -4.23 0.16
N GLY B 71 -10.97 -5.33 0.01
CA GLY B 71 -9.78 -5.54 0.79
C GLY B 71 -9.90 -6.80 1.61
N GLY B 72 -9.78 -6.66 2.91
CA GLY B 72 -10.00 -7.79 3.79
C GLY B 72 -8.77 -8.14 4.58
N GLY B 73 -8.31 -9.38 4.39
CA GLY B 73 -7.21 -9.95 5.19
C GLY B 73 -6.56 -11.12 4.47
N GLY B 74 -5.44 -10.91 3.77
CA GLY B 74 -4.87 -9.58 3.51
C GLY B 74 -3.48 -9.42 4.09
N GLY B 75 -3.40 -8.79 5.27
CA GLY B 75 -2.13 -8.56 5.97
C GLY B 75 -1.29 -7.46 5.34
N ARG B 76 0.01 -7.45 5.66
CA ARG B 76 0.96 -6.48 5.07
C ARG B 76 1.04 -6.49 3.53
N ALA B 77 0.87 -7.67 2.93
CA ALA B 77 0.88 -7.78 1.49
C ALA B 77 -0.23 -6.92 0.89
N LEU B 78 -1.45 -7.14 1.38
CA LEU B 78 -2.62 -6.39 0.93
C LEU B 78 -2.46 -4.87 1.16
N ALA B 79 -1.99 -4.48 2.34
CA ALA B 79 -1.63 -3.06 2.59
C ALA B 79 -0.75 -2.45 1.51
N ALA B 80 0.30 -3.17 1.11
CA ALA B 80 1.26 -2.64 0.12
C ALA B 80 0.60 -2.44 -1.25
N VAL B 81 -0.31 -3.34 -1.62
CA VAL B 81 -1.02 -3.18 -2.88
C VAL B 81 -1.88 -1.89 -2.83
N PHE B 82 -2.59 -1.67 -1.72
CA PHE B 82 -3.47 -0.48 -1.63
C PHE B 82 -2.59 0.76 -1.71
N ALA B 83 -1.43 0.73 -1.03
CA ALA B 83 -0.56 1.91 -0.99
C ALA B 83 -0.01 2.25 -2.38
N ASN B 84 0.34 1.22 -3.13
CA ASN B 84 0.82 1.40 -4.51
C ASN B 84 -0.31 1.95 -5.40
N MET B 85 -1.49 1.35 -5.28
CA MET B 85 -2.67 1.80 -6.04
C MET B 85 -2.88 3.29 -5.76
N ALA B 86 -2.84 3.66 -4.48
CA ALA B 86 -3.12 5.03 -4.06
C ALA B 86 -2.07 6.08 -4.47
N SER B 87 -0.88 5.64 -4.83
CA SER B 87 0.25 6.57 -4.94
C SER B 87 0.26 7.38 -6.25
N GLN B 88 -0.54 6.94 -7.24
CA GLN B 88 -0.56 7.45 -8.62
C GLN B 88 -2.01 7.65 -9.09
N ALA B 89 -2.31 8.81 -9.68
CA ALA B 89 -3.69 9.15 -10.05
C ALA B 89 -4.32 8.22 -11.11
N SER B 90 -3.51 7.71 -12.02
CA SER B 90 -3.99 6.75 -13.02
C SER B 90 -4.37 5.41 -12.37
N ARG B 91 -3.60 4.97 -11.38
CA ARG B 91 -3.91 3.77 -10.64
C ARG B 91 -5.15 3.96 -9.78
N ARG B 92 -5.28 5.12 -9.15
CA ARG B 92 -6.47 5.48 -8.39
C ARG B 92 -7.68 5.48 -9.32
N LYS B 93 -7.49 5.99 -10.54
CA LYS B 93 -8.58 6.03 -11.51
C LYS B 93 -9.00 4.65 -11.92
N SER B 94 -8.03 3.75 -12.11
CA SER B 94 -8.34 2.35 -12.42
CA SER B 94 -8.34 2.35 -12.42
C SER B 94 -9.18 1.69 -11.31
N PHE B 95 -8.73 1.83 -10.08
CA PHE B 95 -9.48 1.35 -8.92
C PHE B 95 -10.89 1.98 -8.84
N ILE B 96 -10.94 3.29 -8.92
CA ILE B 96 -12.21 3.99 -8.77
C ILE B 96 -13.24 3.60 -9.80
N ASP B 97 -12.83 3.59 -11.07
CA ASP B 97 -13.76 3.28 -12.18
C ASP B 97 -14.24 1.85 -12.06
N SER B 98 -13.34 0.93 -11.72
CA SER B 98 -13.74 -0.47 -11.62
C SER B 98 -14.65 -0.72 -10.45
N SER B 99 -14.39 -0.06 -9.33
CA SER B 99 -15.27 -0.22 -8.15
C SER B 99 -16.70 0.20 -8.43
N ILE B 100 -16.83 1.35 -9.08
CA ILE B 100 -18.16 1.85 -9.44
C ILE B 100 -18.86 0.91 -10.41
N GLN B 101 -18.13 0.47 -11.44
CA GLN B 101 -18.70 -0.44 -12.43
C GLN B 101 -19.19 -1.75 -11.77
N LEU B 102 -18.34 -2.31 -10.91
CA LEU B 102 -18.68 -3.55 -10.24
C LEU B 102 -19.82 -3.42 -9.26
N ALA B 103 -19.88 -2.33 -8.51
CA ALA B 103 -21.02 -2.10 -7.59
C ALA B 103 -22.34 -2.03 -8.38
N ARG B 104 -22.31 -1.36 -9.52
CA ARG B 104 -23.50 -1.24 -10.38
C ARG B 104 -23.84 -2.58 -11.02
N ARG B 105 -22.85 -3.27 -11.58
CA ARG B 105 -23.05 -4.61 -12.19
C ARG B 105 -23.66 -5.61 -11.21
N ASN B 106 -23.15 -5.56 -9.97
CA ASN B 106 -23.56 -6.51 -8.93
C ASN B 106 -24.62 -5.95 -8.01
N ASN B 107 -25.22 -4.83 -8.41
CA ASN B 107 -26.36 -4.29 -7.72
C ASN B 107 -26.18 -3.95 -6.21
N PHE B 108 -25.09 -3.25 -5.88
CA PHE B 108 -24.87 -2.76 -4.53
C PHE B 108 -25.26 -1.28 -4.41
N HIS B 109 -25.68 -0.87 -3.23
CA HIS B 109 -25.94 0.56 -2.95
C HIS B 109 -24.70 1.37 -2.65
N GLY B 110 -23.55 0.72 -2.44
CA GLY B 110 -22.38 1.43 -2.03
C GLY B 110 -21.10 0.61 -2.03
N LEU B 111 -20.00 1.26 -1.68
CA LEU B 111 -18.67 0.63 -1.62
C LEU B 111 -18.04 0.94 -0.27
N ASP B 112 -17.26 -0.01 0.23
CA ASP B 112 -16.63 0.12 1.54
C ASP B 112 -15.15 -0.23 1.38
N LEU B 113 -14.31 0.77 1.57
CA LEU B 113 -12.88 0.63 1.46
C LEU B 113 -12.28 0.08 2.75
N ASP B 114 -11.52 -1.02 2.65
CA ASP B 114 -10.89 -1.60 3.84
CA ASP B 114 -10.91 -1.61 3.82
C ASP B 114 -9.39 -1.79 3.63
N TRP B 115 -8.67 -0.68 3.54
CA TRP B 115 -7.20 -0.62 3.47
C TRP B 115 -6.62 -0.59 4.89
N GLU B 116 -5.94 -1.68 5.27
CA GLU B 116 -5.44 -1.84 6.64
C GLU B 116 -3.94 -1.94 6.53
N TYR B 117 -3.21 -0.83 6.59
CA TYR B 117 -3.71 0.52 6.90
C TYR B 117 -2.72 1.47 6.26
N PRO B 118 -3.15 2.71 6.01
CA PRO B 118 -2.19 3.74 5.64
C PRO B 118 -1.14 3.90 6.73
N SER B 119 0.13 4.04 6.35
CA SER B 119 1.22 3.88 7.29
C SER B 119 2.34 4.93 7.13
N SER B 120 2.04 6.05 6.49
CA SER B 120 2.98 7.16 6.38
C SER B 120 2.20 8.43 6.07
N ASP B 121 2.88 9.56 6.09
CA ASP B 121 2.23 10.84 5.75
C ASP B 121 1.83 10.89 4.28
N ILE B 122 2.52 10.11 3.46
CA ILE B 122 2.23 10.07 2.04
C ILE B 122 1.03 9.17 1.76
N ASP B 123 0.93 8.02 2.43
CA ASP B 123 -0.31 7.20 2.40
C ASP B 123 -1.50 8.09 2.82
N LYS B 124 -1.29 8.93 3.83
CA LYS B 124 -2.34 9.84 4.33
C LYS B 124 -2.84 10.80 3.24
N THR B 125 -1.93 11.54 2.59
CA THR B 125 -2.36 12.46 1.52
C THR B 125 -2.98 11.68 0.36
N ASN B 126 -2.40 10.54 0.04
CA ASN B 126 -2.91 9.70 -1.05
C ASN B 126 -4.23 9.04 -0.76
N PHE B 127 -4.51 8.77 0.51
CA PHE B 127 -5.85 8.31 0.95
C PHE B 127 -6.85 9.43 0.69
N ALA B 128 -6.46 10.66 1.06
CA ALA B 128 -7.32 11.84 0.86
C ALA B 128 -7.62 12.08 -0.64
N SER B 129 -6.58 12.02 -1.46
CA SER B 129 -6.76 12.08 -2.93
C SER B 129 -7.71 10.99 -3.44
N LEU B 130 -7.49 9.75 -3.01
CA LEU B 130 -8.33 8.60 -3.41
C LEU B 130 -9.78 8.89 -3.11
N ILE B 131 -10.07 9.23 -1.88
CA ILE B 131 -11.44 9.38 -1.50
C ILE B 131 -12.06 10.61 -2.15
N ARG B 132 -11.27 11.65 -2.39
CA ARG B 132 -11.76 12.85 -3.07
C ARG B 132 -12.08 12.54 -4.53
N GLU B 133 -11.17 11.86 -5.19
CA GLU B 133 -11.44 11.44 -6.59
C GLU B 133 -12.61 10.45 -6.69
N TRP B 134 -12.73 9.57 -5.70
CA TRP B 134 -13.83 8.62 -5.64
C TRP B 134 -15.16 9.33 -5.50
N ARG B 135 -15.23 10.30 -4.59
CA ARG B 135 -16.43 11.09 -4.45
C ARG B 135 -16.77 11.82 -5.75
N ALA B 136 -15.79 12.43 -6.40
CA ALA B 136 -16.02 13.07 -7.70
C ALA B 136 -16.58 12.07 -8.76
N ALA B 137 -15.96 10.87 -8.85
CA ALA B 137 -16.47 9.79 -9.75
C ALA B 137 -17.90 9.35 -9.43
N VAL B 138 -18.17 9.18 -8.14
CA VAL B 138 -19.46 8.76 -7.69
C VAL B 138 -20.52 9.83 -8.06
N ALA B 139 -20.21 11.10 -7.81
CA ALA B 139 -21.11 12.23 -8.18
C ALA B 139 -21.36 12.24 -9.70
N THR B 140 -20.29 12.05 -10.47
CA THR B 140 -20.36 12.08 -11.93
C THR B 140 -21.21 10.95 -12.47
N GLU B 141 -20.95 9.74 -12.00
CA GLU B 141 -21.71 8.58 -12.45
C GLU B 141 -23.19 8.71 -12.10
N SER B 142 -23.49 9.30 -10.95
CA SER B 142 -24.85 9.43 -10.53
C SER B 142 -25.63 10.35 -11.49
N SER B 143 -25.04 11.49 -11.82
CA SER B 143 -25.64 12.40 -12.79
C SER B 143 -25.75 11.76 -14.17
N THR B 144 -24.69 11.12 -14.62
CA THR B 144 -24.66 10.57 -15.99
C THR B 144 -25.66 9.45 -16.16
N SER B 145 -25.91 8.69 -15.09
CA SER B 145 -26.76 7.51 -15.22
C SER B 145 -28.15 7.65 -14.63
N GLY B 146 -28.46 8.79 -13.99
CA GLY B 146 -29.76 8.93 -13.31
C GLY B 146 -29.99 7.88 -12.26
N THR B 147 -29.00 7.67 -11.39
CA THR B 147 -29.07 6.67 -10.30
C THR B 147 -28.62 7.34 -9.01
N PRO B 148 -29.26 7.03 -7.87
CA PRO B 148 -28.80 7.65 -6.65
C PRO B 148 -27.30 7.33 -6.47
N ALA B 149 -26.54 8.29 -5.99
CA ALA B 149 -25.11 8.10 -5.87
C ALA B 149 -24.82 6.92 -4.97
N LEU B 150 -23.76 6.17 -5.30
CA LEU B 150 -23.26 5.14 -4.43
C LEU B 150 -22.81 5.72 -3.12
N LEU B 151 -23.15 5.00 -2.05
CA LEU B 151 -22.63 5.30 -0.72
C LEU B 151 -21.15 4.92 -0.70
N LEU B 152 -20.35 5.70 0.03
CA LEU B 152 -18.92 5.41 0.19
C LEU B 152 -18.58 5.40 1.66
N SER B 153 -18.03 4.29 2.14
CA SER B 153 -17.60 4.19 3.50
C SER B 153 -16.20 3.60 3.49
N ALA B 154 -15.54 3.63 4.64
CA ALA B 154 -14.29 2.92 4.82
C ALA B 154 -14.30 2.35 6.22
N ALA B 155 -13.64 1.20 6.37
CA ALA B 155 -13.30 0.62 7.66
C ALA B 155 -11.89 1.13 8.02
N VAL B 156 -11.78 1.72 9.21
CA VAL B 156 -10.60 2.43 9.61
C VAL B 156 -10.17 1.96 11.00
N GLY B 157 -8.86 2.08 11.29
CA GLY B 157 -8.33 1.71 12.59
C GLY B 157 -9.06 2.43 13.71
N GLY B 158 -9.34 1.72 14.77
CA GLY B 158 -10.15 2.25 15.87
C GLY B 158 -9.41 2.73 17.09
N SER B 159 -8.09 2.75 17.04
CA SER B 159 -7.28 3.17 18.17
C SER B 159 -5.84 3.32 17.70
N ASP B 160 -5.07 4.22 18.33
CA ASP B 160 -3.62 4.30 18.11
C ASP B 160 -2.91 2.98 18.47
N GLN B 161 -3.55 2.14 19.26
CA GLN B 161 -3.03 0.80 19.53
C GLN B 161 -2.95 -0.04 18.27
N ILE B 162 -3.93 0.14 17.38
CA ILE B 162 -4.06 -0.64 16.15
CA ILE B 162 -4.05 -0.66 16.17
C ILE B 162 -3.08 -0.14 15.08
N THR B 163 -3.11 1.16 14.84
CA THR B 163 -2.32 1.79 13.79
C THR B 163 -2.30 3.28 14.12
N PRO B 164 -1.28 3.99 13.65
CA PRO B 164 -1.26 5.43 13.96
C PRO B 164 -2.40 6.18 13.25
N LEU B 165 -3.31 6.78 14.03
CA LEU B 165 -4.46 7.48 13.45
C LEU B 165 -4.03 8.79 12.75
N LYS B 166 -2.86 9.30 13.10
CA LYS B 166 -2.28 10.44 12.40
C LYS B 166 -2.21 10.22 10.86
N TYR B 167 -2.19 8.97 10.41
CA TYR B 167 -2.07 8.63 8.99
C TYR B 167 -3.39 8.49 8.22
N TYR B 168 -4.48 8.90 8.84
CA TYR B 168 -5.74 9.12 8.17
C TYR B 168 -6.05 10.64 8.06
N PRO B 169 -6.62 11.08 6.93
CA PRO B 169 -7.08 12.45 6.74
C PRO B 169 -8.52 12.69 7.17
N GLY B 170 -8.73 13.07 8.42
CA GLY B 170 -10.06 13.21 8.97
C GLY B 170 -10.97 14.19 8.25
N GLU B 171 -10.48 15.37 7.95
CA GLU B 171 -11.34 16.32 7.23
C GLU B 171 -11.75 15.81 5.83
N ALA B 172 -10.81 15.19 5.12
CA ALA B 172 -11.08 14.64 3.80
C ALA B 172 -12.11 13.51 3.91
N ILE B 173 -11.96 12.70 4.95
CA ILE B 173 -12.96 11.70 5.27
C ILE B 173 -14.32 12.33 5.51
N ALA B 174 -14.37 13.36 6.37
CA ALA B 174 -15.62 14.06 6.64
C ALA B 174 -16.29 14.66 5.40
N ASN B 175 -15.48 15.06 4.44
CA ASN B 175 -16.04 15.77 3.30
CA ASN B 175 -15.90 15.80 3.22
C ASN B 175 -16.29 14.88 2.07
N ASN B 176 -15.81 13.63 2.09
CA ASN B 176 -15.94 12.73 0.93
C ASN B 176 -16.55 11.36 1.19
N LEU B 177 -16.42 10.84 2.41
CA LEU B 177 -17.11 9.58 2.75
C LEU B 177 -18.42 9.85 3.47
N ASP B 178 -19.41 8.99 3.28
CA ASP B 178 -20.70 9.09 3.99
C ASP B 178 -20.56 8.75 5.48
N TRP B 179 -19.73 7.73 5.80
CA TRP B 179 -19.35 7.44 7.17
C TRP B 179 -18.11 6.55 7.18
N VAL B 180 -17.55 6.37 8.34
CA VAL B 180 -16.50 5.34 8.52
C VAL B 180 -16.93 4.34 9.60
N ASN B 181 -16.52 3.11 9.38
CA ASN B 181 -16.69 2.02 10.30
C ASN B 181 -15.40 1.91 11.11
N VAL B 182 -15.47 2.38 12.35
CA VAL B 182 -14.31 2.53 13.19
C VAL B 182 -14.08 1.17 13.87
N MET B 183 -12.92 0.57 13.59
CA MET B 183 -12.67 -0.80 14.07
C MET B 183 -12.18 -0.76 15.50
N THR B 184 -13.14 -0.59 16.41
CA THR B 184 -12.89 -0.45 17.82
C THR B 184 -12.80 -1.82 18.50
N TYR B 185 -11.86 -2.65 18.03
CA TYR B 185 -11.68 -4.00 18.52
C TYR B 185 -10.26 -4.50 18.19
N ASP B 186 -9.92 -5.65 18.75
CA ASP B 186 -8.55 -6.19 18.71
C ASP B 186 -7.47 -5.30 19.40
N LEU B 187 -7.85 -4.60 20.46
CA LEU B 187 -6.93 -3.75 21.18
C LEU B 187 -5.98 -4.55 22.06
N TYR B 188 -6.52 -5.50 22.82
CA TYR B 188 -5.72 -6.33 23.77
C TYR B 188 -5.99 -7.80 23.49
N THR B 189 -5.42 -8.31 22.41
CA THR B 189 -5.69 -9.68 21.96
C THR B 189 -4.77 -10.62 22.78
N SER B 190 -5.18 -11.88 22.87
CA SER B 190 -4.42 -12.90 23.64
C SER B 190 -3.08 -13.26 22.96
N ASP B 191 -2.91 -12.94 21.66
CA ASP B 191 -1.59 -13.11 20.97
C ASP B 191 -0.63 -11.96 21.29
N SER B 192 -1.17 -10.76 21.47
CA SER B 192 -0.34 -9.60 21.81
C SER B 192 -0.13 -9.39 23.30
N TYR B 193 -1.10 -9.85 24.12
CA TYR B 193 -1.11 -9.63 25.56
C TYR B 193 -1.46 -10.97 26.24
N PRO B 194 -0.58 -11.98 26.09
CA PRO B 194 -0.89 -13.32 26.60
C PRO B 194 -0.70 -13.49 28.12
N THR B 195 -0.01 -12.57 28.76
CA THR B 195 0.51 -12.79 30.14
C THR B 195 -0.62 -12.76 31.19
N LEU B 196 -1.55 -11.82 31.01
CA LEU B 196 -2.72 -11.67 31.83
C LEU B 196 -3.96 -11.65 30.94
N THR B 197 -5.07 -12.15 31.48
CA THR B 197 -6.36 -12.06 30.79
C THR B 197 -6.73 -10.58 30.58
N GLN B 198 -7.33 -10.29 29.44
CA GLN B 198 -7.59 -8.89 29.05
C GLN B 198 -8.98 -8.76 28.47
N PRO B 199 -9.54 -7.54 28.54
CA PRO B 199 -10.68 -7.19 27.69
C PRO B 199 -10.14 -6.85 26.31
N PRO B 200 -10.49 -7.64 25.28
CA PRO B 200 -9.90 -7.38 23.98
C PRO B 200 -10.31 -6.14 23.31
N ALA B 201 -11.56 -5.72 23.55
CA ALA B 201 -12.10 -4.55 22.90
C ALA B 201 -12.79 -3.66 23.93
N PRO B 202 -12.05 -3.14 24.91
CA PRO B 202 -12.70 -2.42 26.00
C PRO B 202 -13.17 -1.05 25.56
N LEU B 203 -14.33 -0.66 26.06
CA LEU B 203 -14.82 0.72 25.86
C LEU B 203 -13.90 1.71 26.60
N PHE B 204 -13.51 1.37 27.83
CA PHE B 204 -12.57 2.17 28.64
C PHE B 204 -11.47 1.29 29.17
N TYR B 205 -10.29 1.87 29.38
CA TYR B 205 -9.14 1.05 29.84
C TYR B 205 -8.27 1.86 30.79
N PRO B 206 -8.74 1.98 32.05
CA PRO B 206 -8.09 2.90 32.97
C PRO B 206 -6.67 2.48 33.39
N ARG B 207 -6.26 1.25 33.17
CA ARG B 207 -4.87 0.90 33.42
C ARG B 207 -3.93 1.19 32.26
N GLY B 208 -4.43 1.79 31.18
CA GLY B 208 -3.58 2.11 30.06
C GLY B 208 -4.02 3.36 29.37
N ILE B 209 -3.74 3.44 28.07
CA ILE B 209 -4.00 4.65 27.28
C ILE B 209 -4.80 4.38 25.98
N PHE B 210 -5.15 3.13 25.70
CA PHE B 210 -5.91 2.83 24.48
C PHE B 210 -7.17 2.09 24.81
N SER B 211 -8.25 2.44 24.10
CA SER B 211 -9.56 1.89 24.32
C SER B 211 -10.47 2.36 23.18
N ALA B 212 -11.69 1.82 23.11
CA ALA B 212 -12.61 2.27 22.07
C ALA B 212 -12.97 3.73 22.26
N ASP B 213 -13.09 4.14 23.52
CA ASP B 213 -13.41 5.54 23.81
C ASP B 213 -12.25 6.48 23.40
N GLU B 214 -11.02 6.07 23.65
CA GLU B 214 -9.88 6.82 23.12
C GLU B 214 -9.92 6.96 21.59
N GLY B 215 -10.16 5.85 20.89
CA GLY B 215 -10.22 5.87 19.46
C GLY B 215 -11.31 6.78 18.91
N ILE B 216 -12.51 6.68 19.49
CA ILE B 216 -13.68 7.51 19.04
C ILE B 216 -13.40 8.97 19.26
N THR B 217 -12.88 9.31 20.43
CA THR B 217 -12.51 10.68 20.77
C THR B 217 -11.46 11.23 19.80
N LYS B 218 -10.44 10.43 19.51
CA LYS B 218 -9.42 10.83 18.56
C LYS B 218 -9.99 10.99 17.18
N TRP B 219 -10.98 10.15 16.81
CA TRP B 219 -11.60 10.32 15.49
C TRP B 219 -12.36 11.64 15.39
N ILE B 220 -13.06 11.98 16.46
CA ILE B 220 -13.80 13.24 16.49
C ILE B 220 -12.80 14.43 16.47
N GLN B 221 -11.78 14.38 17.32
CA GLN B 221 -10.70 15.38 17.36
C GLN B 221 -10.00 15.60 16.01
N SER B 222 -9.88 14.52 15.23
CA SER B 222 -9.15 14.55 13.96
C SER B 222 -9.94 15.18 12.84
N GLY B 223 -11.20 15.48 13.10
CA GLY B 223 -12.01 16.21 12.16
C GLY B 223 -13.21 15.48 11.53
N VAL B 224 -13.55 14.30 12.06
CA VAL B 224 -14.72 13.55 11.59
C VAL B 224 -15.87 13.71 12.57
N PRO B 225 -17.00 14.25 12.10
CA PRO B 225 -18.13 14.47 13.01
C PRO B 225 -18.63 13.15 13.62
N GLU B 226 -19.04 13.17 14.88
CA GLU B 226 -19.62 11.98 15.51
C GLU B 226 -20.69 11.33 14.64
N SER B 227 -21.47 12.11 13.89
CA SER B 227 -22.52 11.55 13.07
C SER B 227 -22.03 10.81 11.80
N LYS B 228 -20.72 10.80 11.54
CA LYS B 228 -20.13 10.02 10.46
C LYS B 228 -19.29 8.85 11.01
N LEU B 229 -19.50 8.49 12.28
CA LEU B 229 -18.73 7.39 12.86
C LEU B 229 -19.64 6.29 13.26
N ALA B 230 -19.25 5.03 12.91
CA ALA B 230 -20.02 3.91 13.34
C ALA B 230 -19.11 3.08 14.26
N LEU B 231 -19.60 2.76 15.45
CA LEU B 231 -18.85 1.97 16.39
C LEU B 231 -18.75 0.48 16.02
N GLY B 232 -17.54 -0.05 15.98
CA GLY B 232 -17.30 -1.49 15.65
C GLY B 232 -17.48 -2.43 16.85
N LEU B 233 -18.29 -3.46 16.63
CA LEU B 233 -18.62 -4.50 17.60
C LEU B 233 -18.03 -5.80 17.11
N PRO B 234 -17.13 -6.42 17.89
CA PRO B 234 -16.69 -7.74 17.51
C PRO B 234 -17.62 -8.87 17.98
N PHE B 235 -17.91 -9.79 17.06
CA PHE B 235 -18.72 -10.95 17.36
C PHE B 235 -17.82 -12.18 17.64
N TYR B 236 -16.62 -11.90 18.13
CA TYR B 236 -15.66 -12.88 18.56
C TYR B 236 -14.84 -12.26 19.70
N GLY B 237 -14.14 -13.10 20.45
CA GLY B 237 -13.24 -12.65 21.44
C GLY B 237 -11.99 -13.50 21.41
N PHE B 238 -11.27 -13.49 22.50
CA PHE B 238 -10.01 -14.19 22.58
C PHE B 238 -9.95 -15.06 23.81
N LYS B 239 -9.12 -16.10 23.72
CA LYS B 239 -9.03 -17.11 24.77
C LYS B 239 -7.65 -17.12 25.38
N TRP B 240 -7.62 -17.35 26.70
CA TRP B 240 -6.40 -17.50 27.47
C TRP B 240 -6.53 -18.81 28.24
N ARG B 241 -5.40 -19.43 28.52
CA ARG B 241 -5.38 -20.49 29.51
C ARG B 241 -4.93 -19.91 30.84
N LEU B 242 -5.73 -20.12 31.86
CA LEU B 242 -5.48 -19.51 33.18
C LEU B 242 -4.36 -20.28 33.87
N SER B 243 -3.54 -19.56 34.63
CA SER B 243 -2.50 -20.17 35.44
C SER B 243 -3.13 -20.93 36.63
N ASP B 244 -4.29 -20.45 37.08
CA ASP B 244 -5.01 -21.00 38.21
C ASP B 244 -6.52 -20.81 37.98
N PRO B 245 -7.27 -21.91 37.87
CA PRO B 245 -8.71 -21.80 37.62
C PRO B 245 -9.49 -21.00 38.69
N ASN B 246 -8.89 -20.82 39.87
CA ASN B 246 -9.50 -20.03 40.96
C ASN B 246 -9.18 -18.57 40.84
N ASN B 247 -8.31 -18.21 39.91
CA ASN B 247 -7.95 -16.84 39.72
C ASN B 247 -8.39 -16.49 38.31
N HIS B 248 -9.63 -16.02 38.18
CA HIS B 248 -10.32 -16.00 36.87
C HIS B 248 -11.01 -14.66 36.49
N GLY B 249 -10.61 -13.57 37.12
CA GLY B 249 -11.10 -12.25 36.75
C GLY B 249 -10.34 -11.67 35.59
N LEU B 250 -10.56 -10.39 35.38
CA LEU B 250 -9.75 -9.62 34.44
C LEU B 250 -8.35 -9.45 35.00
N PHE B 251 -7.35 -9.47 34.11
CA PHE B 251 -5.93 -9.32 34.46
C PHE B 251 -5.43 -10.42 35.41
N ALA B 252 -6.02 -11.60 35.28
CA ALA B 252 -5.57 -12.81 35.96
C ALA B 252 -4.41 -13.40 35.20
N PRO B 253 -3.42 -13.99 35.91
CA PRO B 253 -2.25 -14.59 35.24
C PRO B 253 -2.64 -15.73 34.34
N ALA B 254 -2.00 -15.79 33.19
CA ALA B 254 -2.32 -16.81 32.19
C ALA B 254 -1.05 -17.56 31.84
N THR B 255 -1.18 -18.77 31.35
CA THR B 255 -0.02 -19.55 30.88
C THR B 255 0.12 -19.55 29.37
N GLN B 256 -0.97 -19.26 28.65
CA GLN B 256 -0.91 -19.14 27.21
C GLN B 256 -2.04 -18.24 26.73
N GLY B 257 -1.81 -17.59 25.59
CA GLY B 257 -2.85 -16.93 24.82
C GLY B 257 -3.29 -17.89 23.73
N LEU B 258 -4.58 -18.16 23.64
CA LEU B 258 -5.11 -19.19 22.77
C LEU B 258 -5.97 -18.67 21.60
N GLY B 259 -5.64 -17.49 21.09
CA GLY B 259 -6.27 -16.99 19.89
C GLY B 259 -7.73 -16.60 19.95
N ALA B 260 -8.26 -16.27 18.77
CA ALA B 260 -9.62 -15.76 18.61
C ALA B 260 -10.62 -16.90 18.54
N VAL B 261 -11.79 -16.67 19.17
CA VAL B 261 -12.87 -17.59 19.17
C VAL B 261 -14.18 -16.85 18.86
N LYS B 262 -14.94 -17.35 17.90
CA LYS B 262 -16.28 -16.82 17.60
C LYS B 262 -17.21 -16.81 18.82
N TYR B 263 -18.06 -15.80 18.89
CA TYR B 263 -19.05 -15.69 19.97
C TYR B 263 -19.84 -16.98 20.11
N LYS B 264 -20.26 -17.53 18.99
CA LYS B 264 -21.07 -18.76 19.03
C LYS B 264 -20.31 -19.95 19.60
N ASP B 265 -18.98 -20.00 19.45
CA ASP B 265 -18.19 -21.07 20.05
C ASP B 265 -17.82 -20.79 21.52
N ILE B 266 -17.78 -19.52 21.91
CA ILE B 266 -17.55 -19.15 23.30
C ILE B 266 -18.75 -19.56 24.14
N VAL B 267 -19.95 -19.29 23.64
CA VAL B 267 -21.17 -19.64 24.37
C VAL B 267 -21.31 -21.16 24.62
N ASN B 268 -20.78 -21.97 23.71
CA ASN B 268 -20.78 -23.43 23.84
C ASN B 268 -20.16 -23.91 25.12
N THR B 269 -19.18 -23.17 25.61
CA THR B 269 -18.42 -23.58 26.77
C THR B 269 -19.28 -23.66 28.03
N GLY B 270 -20.34 -22.86 28.11
CA GLY B 270 -21.15 -22.79 29.31
C GLY B 270 -20.32 -22.08 30.37
N GLY B 271 -20.15 -22.69 31.53
CA GLY B 271 -19.28 -22.10 32.55
C GLY B 271 -19.96 -20.92 33.21
N GLN B 272 -19.15 -19.93 33.61
CA GLN B 272 -19.64 -18.75 34.32
C GLN B 272 -19.38 -17.50 33.50
N VAL B 273 -20.40 -16.66 33.32
CA VAL B 273 -20.30 -15.42 32.55
C VAL B 273 -20.27 -14.23 33.47
N GLU B 274 -19.34 -13.33 33.23
CA GLU B 274 -19.27 -12.10 34.02
C GLU B 274 -19.29 -10.85 33.12
N PHE B 275 -19.55 -9.71 33.74
CA PHE B 275 -19.56 -8.43 33.06
C PHE B 275 -18.81 -7.41 33.91
N ASP B 276 -17.80 -6.79 33.33
CA ASP B 276 -17.07 -5.71 33.99
C ASP B 276 -17.55 -4.38 33.42
N SER B 277 -18.16 -3.54 34.26
CA SER B 277 -18.77 -2.31 33.75
C SER B 277 -17.84 -1.11 33.72
N THR B 278 -16.61 -1.28 34.18
CA THR B 278 -15.63 -0.18 34.08
C THR B 278 -14.99 -0.26 32.70
N TYR B 279 -14.56 -1.45 32.32
CA TYR B 279 -13.91 -1.69 31.03
C TYR B 279 -14.98 -1.86 29.95
N VAL B 280 -16.13 -2.38 30.38
CA VAL B 280 -17.25 -2.75 29.52
C VAL B 280 -16.88 -3.91 28.60
N THR B 281 -16.78 -5.10 29.20
CA THR B 281 -16.45 -6.33 28.52
C THR B 281 -17.18 -7.45 29.23
N ASN B 282 -17.53 -8.50 28.51
CA ASN B 282 -17.88 -9.74 29.15
C ASN B 282 -16.62 -10.60 29.24
N TYR B 283 -16.70 -11.60 30.07
CA TYR B 283 -15.75 -12.70 30.05
C TYR B 283 -16.43 -13.93 30.60
N ARG B 284 -15.86 -15.09 30.30
CA ARG B 284 -16.50 -16.33 30.65
C ARG B 284 -15.37 -17.30 30.93
N PHE B 285 -15.55 -18.18 31.90
CA PHE B 285 -14.46 -19.11 32.27
C PHE B 285 -15.03 -20.48 32.69
N LYS B 286 -14.24 -21.53 32.45
CA LYS B 286 -14.58 -22.88 32.90
C LYS B 286 -13.24 -23.61 33.01
N GLY B 287 -12.96 -24.12 34.19
CA GLY B 287 -11.64 -24.70 34.48
C GLY B 287 -10.58 -23.67 34.15
N THR B 288 -9.60 -24.04 33.35
CA THR B 288 -8.57 -23.08 33.02
C THR B 288 -8.83 -22.35 31.69
N ASP B 289 -9.99 -22.53 31.08
CA ASP B 289 -10.35 -21.78 29.88
C ASP B 289 -10.98 -20.44 30.29
N TRP B 290 -10.51 -19.37 29.67
CA TRP B 290 -11.02 -18.03 29.92
C TRP B 290 -11.19 -17.31 28.61
N TYR B 291 -12.35 -16.69 28.41
CA TYR B 291 -12.62 -15.93 27.22
C TYR B 291 -12.97 -14.48 27.55
N GLY B 292 -12.38 -13.53 26.84
CA GLY B 292 -12.76 -12.12 26.93
C GLY B 292 -13.42 -11.75 25.63
N TYR B 293 -14.57 -11.07 25.68
CA TYR B 293 -15.40 -10.99 24.50
C TYR B 293 -16.63 -10.14 24.82
N ASP B 294 -17.45 -9.92 23.81
CA ASP B 294 -18.71 -9.21 24.02
C ASP B 294 -19.89 -10.19 24.01
N ASP B 295 -20.61 -10.25 25.12
CA ASP B 295 -21.81 -11.03 25.15
C ASP B 295 -22.95 -9.97 25.11
N THR B 296 -24.17 -10.37 25.44
CA THR B 296 -25.33 -9.47 25.28
C THR B 296 -25.26 -8.21 26.14
N GLN B 297 -24.69 -8.32 27.33
CA GLN B 297 -24.58 -7.14 28.18
C GLN B 297 -23.64 -6.13 27.62
N SER B 298 -22.41 -6.53 27.24
CA SER B 298 -21.46 -5.56 26.73
C SER B 298 -21.90 -4.99 25.40
N ILE B 299 -22.54 -5.82 24.55
CA ILE B 299 -23.05 -5.35 23.27
C ILE B 299 -24.11 -4.25 23.59
N SER B 300 -25.06 -4.49 24.52
CA SER B 300 -26.08 -3.47 24.84
C SER B 300 -25.44 -2.17 25.35
N ALA B 301 -24.44 -2.32 26.20
CA ALA B 301 -23.77 -1.19 26.81
C ALA B 301 -23.00 -0.39 25.76
N LYS B 302 -22.33 -1.07 24.82
CA LYS B 302 -21.61 -0.39 23.74
C LYS B 302 -22.53 0.36 22.80
N VAL B 303 -23.67 -0.26 22.49
CA VAL B 303 -24.69 0.41 21.66
C VAL B 303 -25.26 1.63 22.37
N ALA B 304 -25.58 1.49 23.66
CA ALA B 304 -25.98 2.67 24.50
C ALA B 304 -24.91 3.81 24.46
N TYR B 305 -23.63 3.43 24.59
CA TYR B 305 -22.54 4.37 24.47
C TYR B 305 -22.59 5.12 23.13
N ALA B 306 -22.76 4.37 22.04
CA ALA B 306 -22.75 4.94 20.69
C ALA B 306 -23.91 5.97 20.49
N LYS B 307 -25.06 5.61 21.03
CA LYS B 307 -26.24 6.49 21.03
C LYS B 307 -26.00 7.75 21.81
N GLN B 308 -25.55 7.60 23.04
CA GLN B 308 -25.16 8.69 23.93
C GLN B 308 -24.23 9.71 23.32
N ARG B 309 -23.24 9.24 22.57
CA ARG B 309 -22.28 10.11 21.94
C ARG B 309 -22.76 10.71 20.62
N GLY B 310 -23.95 10.31 20.17
CA GLY B 310 -24.49 10.78 18.89
C GLY B 310 -23.76 10.25 17.69
N LEU B 311 -23.18 9.04 17.83
CA LEU B 311 -22.60 8.36 16.69
C LEU B 311 -23.65 7.95 15.68
N PHE B 312 -23.22 7.78 14.44
CA PHE B 312 -24.11 7.32 13.37
C PHE B 312 -24.74 5.95 13.69
N GLY B 313 -23.97 5.09 14.37
CA GLY B 313 -24.50 3.84 14.85
C GLY B 313 -23.35 2.86 15.08
N TYR B 314 -23.56 1.61 14.68
CA TYR B 314 -22.59 0.50 14.94
C TYR B 314 -22.50 -0.44 13.76
N PHE B 315 -21.50 -1.31 13.76
CA PHE B 315 -21.45 -2.37 12.80
C PHE B 315 -20.78 -3.56 13.49
N ALA B 316 -21.16 -4.75 13.03
CA ALA B 316 -20.62 -5.97 13.58
C ALA B 316 -19.72 -6.66 12.60
N TRP B 317 -18.55 -7.07 13.08
CA TRP B 317 -17.65 -7.99 12.38
C TRP B 317 -17.55 -9.32 13.18
N HIS B 318 -18.04 -10.44 12.65
CA HIS B 318 -18.91 -10.52 11.50
C HIS B 318 -20.07 -11.45 11.83
N ILE B 319 -21.12 -11.41 11.02
CA ILE B 319 -22.47 -11.85 11.46
C ILE B 319 -22.61 -13.37 11.63
N GLU B 320 -21.86 -14.12 10.82
CA GLU B 320 -21.85 -15.59 10.98
C GLU B 320 -21.36 -16.04 12.36
N GLN B 321 -20.60 -15.18 13.05
CA GLN B 321 -20.04 -15.55 14.35
C GLN B 321 -21.03 -15.49 15.49
N ASP B 322 -22.20 -14.89 15.23
CA ASP B 322 -23.24 -14.74 16.22
C ASP B 322 -23.90 -16.11 16.45
N SER B 323 -24.62 -16.25 17.55
CA SER B 323 -25.33 -17.51 17.86
C SER B 323 -26.80 -17.24 17.77
N ASN B 324 -27.43 -17.73 16.70
CA ASN B 324 -28.87 -17.58 16.47
C ASN B 324 -29.34 -16.10 16.57
N TRP B 325 -28.51 -15.22 16.02
CA TRP B 325 -28.79 -13.78 16.00
C TRP B 325 -28.89 -13.14 17.41
N ALA B 326 -28.31 -13.75 18.44
CA ALA B 326 -28.44 -13.20 19.79
C ALA B 326 -27.82 -11.80 19.90
N LEU B 327 -26.58 -11.65 19.48
CA LEU B 327 -25.92 -10.35 19.56
C LEU B 327 -26.50 -9.33 18.59
N SER B 328 -26.94 -9.81 17.43
CA SER B 328 -27.45 -8.96 16.37
C SER B 328 -28.78 -8.38 16.86
N GLU B 329 -29.60 -9.26 17.44
CA GLU B 329 -30.85 -8.89 18.04
C GLU B 329 -30.70 -7.91 19.17
N THR B 330 -29.80 -8.23 20.07
CA THR B 330 -29.52 -7.36 21.20
C THR B 330 -29.13 -5.96 20.78
N ALA B 331 -28.20 -5.85 19.82
CA ALA B 331 -27.74 -4.57 19.32
C ALA B 331 -28.90 -3.77 18.75
N SER B 332 -29.68 -4.45 17.91
CA SER B 332 -30.81 -3.83 17.24
C SER B 332 -31.79 -3.30 18.25
N ARG B 333 -32.20 -4.15 19.20
CA ARG B 333 -33.14 -3.72 20.24
C ARG B 333 -32.56 -2.64 21.12
N ALA B 334 -31.28 -2.71 21.45
CA ALA B 334 -30.71 -1.63 22.27
C ALA B 334 -30.72 -0.30 21.53
N TRP B 335 -30.56 -0.33 20.21
CA TRP B 335 -30.53 0.92 19.43
C TRP B 335 -31.95 1.50 19.31
N GLY B 336 -32.90 0.63 18.99
CA GLY B 336 -34.25 1.02 18.58
C GLY B 336 -34.33 1.10 17.06
N THR B 337 -35.26 1.90 16.54
CA THR B 337 -35.47 1.97 15.09
C THR B 337 -34.31 2.64 14.33
#